data_2Y4N
#
_entry.id   2Y4N
#
_cell.length_a   57.260
_cell.length_b   62.390
_cell.length_c   76.590
_cell.angle_alpha   91.16
_cell.angle_beta   108.33
_cell.angle_gamma   106.27
#
_symmetry.space_group_name_H-M   'P 1'
#
loop_
_entity.id
_entity.type
_entity.pdbx_description
1 polymer 'PHENYLACETATE-COENZYME A LIGASE'
2 non-polymer 'MAGNESIUM ION'
3 non-polymer DI(HYDROXYETHYL)ETHER
4 non-polymer BETA-MERCAPTOETHANOL
5 non-polymer "5'-O-[HYDROXY(PHENYLACETYL)PHOSPHORYL]ADENOSINE"
6 non-polymer '2-PHENYLACETIC ACID'
7 non-polymer 'TRIETHYLENE GLYCOL'
8 water water
#
_entity_poly.entity_id   1
_entity_poly.type   'polypeptide(L)'
_entity_poly.pdbx_seq_one_letter_code
;GSHMASTTPLPLEPIETASRDELTALQLERLKWSLRHAYDHSPVYRRKFDEAGVHPDDLKTLADLSRFPFTTKGDLRDSY
PFGMFAVPQDRISRIHASSGTTGKPTVVGYTAADIDTWANLVARSIRAAGARRGDKVHVSYGYGLFTGGLGAHYGAERAG
LTVIPFGGGQTEKQVQLIQDFRPDIIMVTPSYMLSIADEIERQGLDPVQSSLRIGIFGAEPWTNDMRVAIEQRMGIDAVD
IYGLSEVMGPGVASECVETKDGPTIWEDHFYPEIIDPETGEVLPDGELGELVFTSLTKEALPIIRYRTRDLTRLLPGTAR
TMRRMEKITGRSDDMMIVRGVNVFPTQIEEQLLKQRALAPHYQIVLTKEGPLDVLTLNVEPCPETAPDTAAIQVAKQALA
YDIKSLIGVTAVINVLPVNGIERSVGKARRVVDKRKG
;
_entity_poly.pdbx_strand_id   A,B
#
loop_
_chem_comp.id
_chem_comp.type
_chem_comp.name
_chem_comp.formula
BME non-polymer BETA-MERCAPTOETHANOL 'C2 H6 O S'
DLL non-polymer 5'-O-[HYDROXY(PHENYLACETYL)PHOSPHORYL]ADENOSINE 'C18 H20 N5 O8 P'
MG non-polymer 'MAGNESIUM ION' 'Mg 2'
PAC non-polymer '2-PHENYLACETIC ACID' 'C8 H8 O2'
PEG non-polymer DI(HYDROXYETHYL)ETHER 'C4 H10 O3'
PGE non-polymer 'TRIETHYLENE GLYCOL' 'C6 H14 O4'
#
# COMPACT_ATOMS: atom_id res chain seq x y z
CA PRO A 9 -3.98 -16.99 23.53
C PRO A 9 -4.63 -15.60 23.47
N LEU A 10 -4.58 -14.97 22.30
CA LEU A 10 -5.36 -13.77 22.05
C LEU A 10 -6.85 -14.03 22.25
N PRO A 11 -7.57 -13.06 22.83
CA PRO A 11 -8.90 -13.32 23.38
C PRO A 11 -10.00 -13.30 22.32
N LEU A 12 -10.90 -14.29 22.37
CA LEU A 12 -12.24 -14.18 21.77
C LEU A 12 -12.93 -12.88 22.15
N GLU A 13 -13.73 -12.35 21.24
CA GLU A 13 -14.90 -11.56 21.63
C GLU A 13 -16.01 -12.47 22.12
N PRO A 14 -16.76 -12.01 23.13
CA PRO A 14 -17.85 -12.80 23.68
C PRO A 14 -18.86 -13.27 22.63
N ILE A 15 -19.22 -12.37 21.70
CA ILE A 15 -20.18 -12.68 20.63
C ILE A 15 -19.79 -13.94 19.86
N GLU A 16 -18.48 -14.19 19.77
CA GLU A 16 -17.97 -15.29 18.96
C GLU A 16 -18.46 -16.67 19.40
N THR A 17 -18.70 -16.84 20.69
CA THR A 17 -19.30 -18.08 21.20
C THR A 17 -20.55 -17.88 22.05
N ALA A 18 -21.23 -16.74 21.85
CA ALA A 18 -22.52 -16.51 22.49
C ALA A 18 -23.63 -17.34 21.85
N SER A 19 -24.74 -17.54 22.57
CA SER A 19 -25.80 -18.42 22.08
C SER A 19 -26.32 -18.03 20.70
N ARG A 20 -26.77 -19.03 19.95
CA ARG A 20 -27.37 -18.78 18.65
C ARG A 20 -28.65 -17.94 18.79
N ASP A 21 -29.41 -18.22 19.85
CA ASP A 21 -30.60 -17.43 20.13
C ASP A 21 -30.28 -15.93 20.26
N GLU A 22 -29.22 -15.62 20.97
CA GLU A 22 -28.79 -14.23 21.10
C GLU A 22 -28.37 -13.68 19.74
N LEU A 23 -27.60 -14.50 19.01
CA LEU A 23 -27.12 -14.11 17.68
C LEU A 23 -28.27 -13.78 16.74
N THR A 24 -29.30 -14.63 16.74
CA THR A 24 -30.44 -14.46 15.86
C THR A 24 -31.14 -13.13 16.15
N ALA A 25 -31.33 -12.82 17.43
CA ALA A 25 -32.04 -11.59 17.82
C ALA A 25 -31.31 -10.37 17.29
N LEU A 26 -30.00 -10.33 17.46
CA LEU A 26 -29.24 -9.15 17.06
C LEU A 26 -29.08 -9.01 15.55
N GLN A 27 -29.11 -10.14 14.85
CA GLN A 27 -29.11 -10.13 13.38
C GLN A 27 -30.40 -9.53 12.85
N LEU A 28 -31.51 -9.92 13.48
CA LEU A 28 -32.80 -9.35 13.11
C LEU A 28 -32.83 -7.84 13.27
N GLU A 29 -32.44 -7.32 14.43
CA GLU A 29 -32.52 -5.88 14.64
C GLU A 29 -31.59 -5.16 13.68
N ARG A 30 -30.43 -5.76 13.40
CA ARG A 30 -29.45 -5.13 12.52
C ARG A 30 -29.93 -5.16 11.08
N LEU A 31 -30.58 -6.24 10.70
CA LEU A 31 -31.08 -6.38 9.34
C LEU A 31 -32.24 -5.41 9.08
N LYS A 32 -33.11 -5.22 10.08
CA LYS A 32 -34.17 -4.23 9.94
C LYS A 32 -33.59 -2.82 9.75
N TRP A 33 -32.58 -2.47 10.54
CA TRP A 33 -31.83 -1.23 10.33
C TRP A 33 -31.18 -1.15 8.93
N SER A 34 -30.51 -2.23 8.50
CA SER A 34 -29.75 -2.17 7.24
C SER A 34 -30.69 -1.93 6.06
N LEU A 35 -31.81 -2.65 6.05
CA LEU A 35 -32.81 -2.52 4.99
C LEU A 35 -33.41 -1.11 4.95
N ARG A 36 -33.65 -0.54 6.12
CA ARG A 36 -34.20 0.80 6.19
C ARG A 36 -33.17 1.85 5.76
N HIS A 37 -31.94 1.71 6.24
CA HIS A 37 -30.86 2.60 5.84
C HIS A 37 -30.67 2.57 4.32
N ALA A 38 -30.66 1.37 3.74
CA ALA A 38 -30.46 1.23 2.29
C ALA A 38 -31.62 1.85 1.53
N TYR A 39 -32.84 1.58 1.98
CA TYR A 39 -34.02 2.08 1.29
C TYR A 39 -34.15 3.60 1.41
N ASP A 40 -33.81 4.14 2.58
CA ASP A 40 -33.95 5.58 2.80
C ASP A 40 -32.87 6.40 2.11
N HIS A 41 -31.66 5.85 1.99
CA HIS A 41 -30.47 6.66 1.73
C HIS A 41 -29.73 6.31 0.45
N SER A 42 -29.96 5.11 -0.07
CA SER A 42 -29.36 4.69 -1.33
C SER A 42 -30.35 4.81 -2.48
N PRO A 43 -30.08 5.73 -3.41
CA PRO A 43 -30.91 5.92 -4.61
C PRO A 43 -31.19 4.59 -5.31
N VAL A 44 -30.22 3.70 -5.30
CA VAL A 44 -30.32 2.41 -5.99
C VAL A 44 -31.28 1.44 -5.31
N TYR A 45 -31.17 1.31 -4.00
CA TYR A 45 -32.09 0.46 -3.25
C TYR A 45 -33.51 1.04 -3.12
N ARG A 46 -33.63 2.36 -3.10
CA ARG A 46 -34.94 3.00 -3.22
C ARG A 46 -35.63 2.51 -4.49
N ARG A 47 -34.89 2.55 -5.59
CA ARG A 47 -35.42 2.14 -6.89
C ARG A 47 -35.71 0.63 -6.92
N LYS A 48 -34.76 -0.15 -6.43
CA LYS A 48 -34.88 -1.61 -6.48
C LYS A 48 -36.05 -2.12 -5.65
N PHE A 49 -36.16 -1.64 -4.41
CA PHE A 49 -37.21 -2.13 -3.52
C PHE A 49 -38.58 -1.71 -4.07
N ASP A 50 -38.68 -0.47 -4.53
CA ASP A 50 -39.92 0.05 -5.07
C ASP A 50 -40.37 -0.78 -6.28
N GLU A 51 -39.41 -1.13 -7.12
CA GLU A 51 -39.71 -1.82 -8.36
C GLU A 51 -39.91 -3.31 -8.13
N ALA A 52 -39.52 -3.77 -6.94
CA ALA A 52 -39.90 -5.13 -6.51
C ALA A 52 -41.19 -5.17 -5.69
N GLY A 53 -41.75 -4.02 -5.35
CA GLY A 53 -42.93 -3.96 -4.48
C GLY A 53 -42.70 -4.37 -3.03
N VAL A 54 -41.55 -4.00 -2.46
CA VAL A 54 -41.30 -4.31 -1.06
C VAL A 54 -40.81 -3.11 -0.26
N HIS A 55 -41.10 -3.12 1.04
CA HIS A 55 -40.64 -2.09 1.95
C HIS A 55 -39.83 -2.72 3.08
N PRO A 56 -38.94 -1.94 3.72
CA PRO A 56 -38.18 -2.43 4.86
C PRO A 56 -39.09 -3.04 5.92
N ASP A 57 -40.26 -2.44 6.10
CA ASP A 57 -41.23 -2.85 7.12
C ASP A 57 -41.67 -4.29 6.94
N ASP A 58 -41.52 -4.79 5.73
CA ASP A 58 -41.97 -6.13 5.37
C ASP A 58 -41.10 -7.21 6.01
N LEU A 59 -39.92 -6.82 6.50
CA LEU A 59 -39.11 -7.76 7.25
C LEU A 59 -39.50 -7.84 8.71
N LYS A 60 -40.15 -8.93 9.07
CA LYS A 60 -40.55 -9.19 10.46
C LYS A 60 -39.66 -10.22 11.13
N THR A 61 -39.32 -11.27 10.40
CA THR A 61 -38.32 -12.24 10.84
C THR A 61 -37.20 -12.36 9.81
N LEU A 62 -36.16 -13.11 10.15
CA LEU A 62 -35.04 -13.31 9.24
C LEU A 62 -35.49 -14.00 7.96
N ALA A 63 -36.53 -14.82 8.07
CA ALA A 63 -37.02 -15.60 6.95
C ALA A 63 -37.62 -14.73 5.84
N ASP A 64 -38.06 -13.53 6.22
CA ASP A 64 -38.63 -12.58 5.28
C ASP A 64 -37.58 -11.98 4.34
N LEU A 65 -36.31 -12.22 4.63
CA LEU A 65 -35.25 -11.69 3.75
C LEU A 65 -35.43 -12.15 2.31
N SER A 66 -35.92 -13.37 2.13
CA SER A 66 -36.13 -13.90 0.78
C SER A 66 -37.13 -13.08 -0.03
N ARG A 67 -37.85 -12.19 0.65
CA ARG A 67 -38.83 -11.35 -0.02
C ARG A 67 -38.15 -10.25 -0.84
N PHE A 68 -36.90 -9.93 -0.51
CA PHE A 68 -36.25 -8.74 -1.07
C PHE A 68 -35.45 -9.07 -2.33
N PRO A 69 -35.32 -8.09 -3.24
CA PRO A 69 -34.60 -8.34 -4.50
C PRO A 69 -33.11 -8.61 -4.28
N PHE A 70 -32.45 -9.17 -5.30
CA PHE A 70 -31.02 -9.41 -5.25
C PHE A 70 -30.24 -8.20 -5.73
N THR A 71 -29.00 -8.09 -5.27
CA THR A 71 -28.04 -7.17 -5.87
C THR A 71 -26.96 -7.98 -6.59
N THR A 72 -26.48 -7.44 -7.70
CA THR A 72 -25.40 -8.08 -8.45
C THR A 72 -24.33 -7.06 -8.77
N LYS A 73 -23.23 -7.53 -9.36
CA LYS A 73 -22.13 -6.66 -9.75
C LYS A 73 -22.61 -5.62 -10.76
N GLY A 74 -23.58 -6.02 -11.58
CA GLY A 74 -24.19 -5.12 -12.54
C GLY A 74 -24.72 -3.86 -11.89
N ASP A 75 -25.33 -4.01 -10.72
CA ASP A 75 -25.89 -2.88 -9.99
C ASP A 75 -24.83 -1.85 -9.63
N LEU A 76 -23.67 -2.33 -9.17
CA LEU A 76 -22.54 -1.44 -8.91
C LEU A 76 -22.00 -0.83 -10.20
N ARG A 77 -21.85 -1.65 -11.24
CA ARG A 77 -21.33 -1.12 -12.50
C ARG A 77 -22.19 0.02 -13.04
N ASP A 78 -23.51 -0.15 -12.99
CA ASP A 78 -24.45 0.84 -13.51
C ASP A 78 -24.47 2.12 -12.68
N SER A 79 -23.96 2.07 -11.45
CA SER A 79 -23.96 3.25 -10.61
C SER A 79 -22.57 3.85 -10.38
N TYR A 80 -21.58 3.38 -11.13
CA TYR A 80 -20.23 3.98 -11.13
C TYR A 80 -20.31 5.49 -11.39
N PRO A 81 -19.54 6.28 -10.62
CA PRO A 81 -18.64 5.80 -9.56
C PRO A 81 -19.27 5.74 -8.17
N PHE A 82 -20.17 6.68 -7.85
CA PHE A 82 -20.62 6.86 -6.47
C PHE A 82 -22.14 6.71 -6.27
N GLY A 83 -22.83 6.15 -7.26
CA GLY A 83 -24.29 6.24 -7.31
C GLY A 83 -24.98 5.40 -6.26
N MET A 84 -24.24 4.49 -5.65
CA MET A 84 -24.83 3.56 -4.71
C MET A 84 -24.57 3.94 -3.26
N PHE A 85 -23.77 4.97 -3.05
CA PHE A 85 -23.41 5.37 -1.68
C PHE A 85 -24.63 5.85 -0.91
N ALA A 86 -24.65 5.56 0.38
CA ALA A 86 -25.85 5.80 1.18
C ALA A 86 -25.58 6.83 2.27
N VAL A 87 -24.45 7.53 2.14
CA VAL A 87 -24.12 8.66 3.00
C VAL A 87 -23.52 9.76 2.13
N PRO A 88 -23.50 11.00 2.63
CA PRO A 88 -22.94 12.10 1.85
C PRO A 88 -21.43 11.94 1.63
N GLN A 89 -20.96 12.34 0.45
CA GLN A 89 -19.55 12.18 0.07
C GLN A 89 -18.58 12.55 1.18
N ASP A 90 -18.91 13.58 1.95
CA ASP A 90 -18.01 14.02 3.02
C ASP A 90 -17.90 13.06 4.20
N ARG A 91 -18.75 12.03 4.22
CA ARG A 91 -18.63 10.98 5.22
C ARG A 91 -17.92 9.73 4.70
N ILE A 92 -17.47 9.75 3.45
CA ILE A 92 -16.72 8.62 2.91
C ILE A 92 -15.26 8.77 3.30
N SER A 93 -14.77 7.86 4.14
CA SER A 93 -13.40 7.92 4.61
C SER A 93 -12.47 7.23 3.62
N ARG A 94 -13.00 6.26 2.89
CA ARG A 94 -12.16 5.40 2.07
C ARG A 94 -12.90 4.95 0.82
N ILE A 95 -12.18 5.01 -0.31
CA ILE A 95 -12.63 4.38 -1.56
C ILE A 95 -11.70 3.22 -1.91
N HIS A 96 -12.30 2.06 -2.22
CA HIS A 96 -11.57 0.99 -2.89
C HIS A 96 -12.23 0.68 -4.24
N ALA A 97 -11.50 -0.01 -5.10
CA ALA A 97 -11.95 -0.23 -6.47
C ALA A 97 -11.23 -1.43 -7.05
N SER A 98 -11.88 -2.12 -7.98
CA SER A 98 -11.25 -3.20 -8.74
CA SER A 98 -11.19 -3.20 -8.68
C SER A 98 -10.21 -2.65 -9.71
N SER A 99 -9.24 -3.48 -10.08
CA SER A 99 -8.28 -3.11 -11.12
C SER A 99 -8.76 -3.61 -12.48
N GLY A 100 -9.14 -4.88 -12.53
CA GLY A 100 -10.04 -5.37 -13.56
C GLY A 100 -11.50 -5.10 -13.24
N GLY A 103 -15.49 -4.32 -18.14
CA GLY A 103 -16.04 -2.97 -18.15
C GLY A 103 -15.20 -1.98 -17.36
N LYS A 104 -15.88 -1.07 -16.67
CA LYS A 104 -15.20 -0.15 -15.75
C LYS A 104 -15.02 -0.80 -14.39
N PRO A 105 -14.10 -0.25 -13.57
CA PRO A 105 -13.88 -0.81 -12.24
C PRO A 105 -15.12 -0.66 -11.36
N THR A 106 -15.35 -1.62 -10.47
CA THR A 106 -16.40 -1.47 -9.47
C THR A 106 -15.88 -0.75 -8.24
N VAL A 107 -16.61 0.26 -7.80
CA VAL A 107 -16.15 1.18 -6.78
C VAL A 107 -16.90 0.92 -5.48
N VAL A 108 -16.17 0.77 -4.38
CA VAL A 108 -16.80 0.64 -3.06
C VAL A 108 -16.31 1.74 -2.12
N GLY A 109 -17.08 2.03 -1.08
CA GLY A 109 -16.77 3.13 -0.17
C GLY A 109 -17.05 2.76 1.28
N TYR A 110 -16.46 3.50 2.21
CA TYR A 110 -16.51 3.20 3.64
C TYR A 110 -16.55 4.49 4.43
N THR A 111 -17.36 4.53 5.49
CA THR A 111 -17.21 5.55 6.51
C THR A 111 -16.08 5.14 7.46
N ALA A 112 -15.79 5.99 8.44
CA ALA A 112 -14.77 5.67 9.44
C ALA A 112 -15.25 4.45 10.24
N ALA A 113 -16.53 4.43 10.57
CA ALA A 113 -17.08 3.30 11.30
C ALA A 113 -16.98 2.00 10.49
N ASP A 114 -17.21 2.08 9.19
CA ASP A 114 -17.06 0.90 8.33
C ASP A 114 -15.62 0.40 8.38
N ILE A 115 -14.68 1.33 8.28
CA ILE A 115 -13.26 1.00 8.35
C ILE A 115 -12.91 0.34 9.70
N ASP A 116 -13.43 0.92 10.78
CA ASP A 116 -13.21 0.35 12.13
C ASP A 116 -13.69 -1.10 12.21
N THR A 117 -14.90 -1.35 11.72
CA THR A 117 -15.50 -2.67 11.79
C THR A 117 -14.69 -3.65 10.95
N TRP A 118 -14.27 -3.20 9.77
CA TRP A 118 -13.41 -4.00 8.91
C TRP A 118 -12.10 -4.39 9.61
N ALA A 119 -11.42 -3.41 10.21
CA ALA A 119 -10.24 -3.70 11.01
C ALA A 119 -10.53 -4.70 12.13
N ASN A 120 -11.66 -4.54 12.81
CA ASN A 120 -12.03 -5.51 13.86
C ASN A 120 -12.28 -6.90 13.34
N LEU A 121 -12.86 -7.00 12.14
CA LEU A 121 -13.18 -8.30 11.57
C LEU A 121 -11.94 -9.03 11.06
N VAL A 122 -10.99 -8.29 10.50
CA VAL A 122 -9.73 -8.90 10.09
C VAL A 122 -8.85 -9.26 11.30
N ALA A 123 -8.86 -8.40 12.33
CA ALA A 123 -8.27 -8.77 13.62
C ALA A 123 -8.89 -10.07 14.18
N ARG A 124 -10.20 -10.21 14.10
CA ARG A 124 -10.87 -11.42 14.58
C ARG A 124 -10.41 -12.63 13.80
N SER A 125 -10.28 -12.46 12.49
CA SER A 125 -9.83 -13.53 11.60
C SER A 125 -8.39 -13.93 11.92
N ILE A 126 -7.54 -12.94 12.18
CA ILE A 126 -6.14 -13.20 12.52
C ILE A 126 -5.97 -13.96 13.84
N ARG A 127 -6.78 -13.59 14.85
CA ARG A 127 -6.85 -14.35 16.08
C ARG A 127 -7.31 -15.78 15.83
N ALA A 128 -8.34 -15.93 15.00
CA ALA A 128 -8.89 -17.26 14.69
C ALA A 128 -7.84 -18.13 14.01
N ALA A 129 -6.87 -17.50 13.38
CA ALA A 129 -5.77 -18.19 12.71
C ALA A 129 -4.68 -18.66 13.69
N GLY A 130 -4.78 -18.27 14.95
CA GLY A 130 -3.84 -18.71 15.99
C GLY A 130 -2.77 -17.68 16.35
N ALA A 131 -3.00 -16.43 15.98
CA ALA A 131 -2.04 -15.37 16.27
C ALA A 131 -1.78 -15.26 17.78
N ARG A 132 -0.57 -14.86 18.14
CA ARG A 132 -0.22 -14.68 19.54
C ARG A 132 0.28 -13.25 19.78
N ARG A 133 0.15 -12.79 21.01
CA ARG A 133 0.87 -11.61 21.49
C ARG A 133 2.34 -11.69 21.09
N GLY A 134 2.82 -10.63 20.47
CA GLY A 134 4.20 -10.58 20.03
C GLY A 134 4.45 -10.99 18.60
N ASP A 135 3.44 -11.56 17.93
CA ASP A 135 3.60 -11.98 16.54
C ASP A 135 3.88 -10.78 15.64
N LYS A 136 4.76 -10.97 14.66
CA LYS A 136 4.86 -10.08 13.52
C LYS A 136 4.14 -10.65 12.32
N VAL A 137 3.46 -9.77 11.60
CA VAL A 137 2.68 -10.15 10.44
C VAL A 137 3.33 -9.59 9.19
N HIS A 138 3.75 -10.48 8.30
CA HIS A 138 4.29 -10.09 7.00
C HIS A 138 3.15 -10.02 5.97
N VAL A 139 2.81 -8.80 5.54
CA VAL A 139 1.66 -8.59 4.66
C VAL A 139 2.10 -8.49 3.20
N SER A 140 1.79 -9.52 2.43
CA SER A 140 2.15 -9.56 1.01
C SER A 140 1.00 -9.31 0.04
N TYR A 141 -0.24 -9.30 0.55
CA TYR A 141 -1.37 -8.84 -0.25
C TYR A 141 -1.14 -7.44 -0.81
N GLY A 142 -1.69 -7.17 -1.98
CA GLY A 142 -1.39 -5.91 -2.68
C GLY A 142 -1.98 -4.71 -1.95
N TYR A 143 -1.15 -3.70 -1.74
CA TYR A 143 -1.57 -2.40 -1.18
C TYR A 143 -2.00 -1.45 -2.28
N GLY A 144 -3.21 -0.91 -2.15
CA GLY A 144 -3.67 0.14 -3.04
C GLY A 144 -5.18 0.11 -3.10
N LEU A 145 -5.73 0.19 -4.30
CA LEU A 145 -7.18 0.14 -4.47
C LEU A 145 -7.75 -1.24 -4.20
N PHE A 146 -6.92 -2.28 -4.37
CA PHE A 146 -7.31 -3.63 -3.97
C PHE A 146 -7.63 -3.61 -2.47
N THR A 147 -8.55 -4.46 -2.01
CA THR A 147 -8.89 -4.48 -0.58
C THR A 147 -7.93 -5.31 0.27
N GLY A 148 -7.18 -6.20 -0.36
CA GLY A 148 -6.41 -7.19 0.39
C GLY A 148 -5.37 -6.61 1.35
N GLY A 149 -4.40 -5.90 0.81
CA GLY A 149 -3.29 -5.37 1.60
C GLY A 149 -3.74 -4.46 2.73
N LEU A 150 -4.50 -3.42 2.41
CA LEU A 150 -4.89 -2.46 3.45
C LEU A 150 -5.90 -3.09 4.41
N GLY A 151 -6.69 -4.04 3.89
CA GLY A 151 -7.50 -4.90 4.74
C GLY A 151 -6.72 -5.69 5.79
N ALA A 152 -5.73 -6.44 5.34
CA ALA A 152 -4.87 -7.22 6.24
C ALA A 152 -4.09 -6.32 7.18
N HIS A 153 -3.55 -5.24 6.62
CA HIS A 153 -2.76 -4.26 7.35
C HIS A 153 -3.51 -3.75 8.57
N TYR A 154 -4.72 -3.23 8.35
CA TYR A 154 -5.48 -2.61 9.43
C TYR A 154 -5.91 -3.63 10.46
N GLY A 155 -6.17 -4.87 10.02
CA GLY A 155 -6.59 -5.93 10.94
C GLY A 155 -5.45 -6.35 11.86
N ALA A 156 -4.27 -6.51 11.29
CA ALA A 156 -3.10 -6.93 12.04
C ALA A 156 -2.64 -5.84 13.00
N GLU A 157 -2.72 -4.59 12.56
CA GLU A 157 -2.51 -3.45 13.44
C GLU A 157 -3.50 -3.45 14.61
N ARG A 158 -4.78 -3.56 14.29
CA ARG A 158 -5.85 -3.57 15.29
C ARG A 158 -5.71 -4.73 16.29
N ALA A 159 -5.15 -5.84 15.83
CA ALA A 159 -4.92 -6.99 16.71
C ALA A 159 -3.71 -6.79 17.61
N GLY A 160 -3.03 -5.66 17.45
CA GLY A 160 -1.92 -5.29 18.33
C GLY A 160 -0.62 -5.95 17.93
N LEU A 161 -0.53 -6.38 16.68
CA LEU A 161 0.61 -7.16 16.23
C LEU A 161 1.63 -6.27 15.50
N THR A 162 2.81 -6.81 15.22
CA THR A 162 3.85 -6.03 14.52
C THR A 162 3.68 -6.14 13.01
N VAL A 163 3.25 -5.05 12.39
CA VAL A 163 2.88 -5.09 10.98
C VAL A 163 4.07 -4.75 10.09
N ILE A 164 4.38 -5.67 9.18
CA ILE A 164 5.40 -5.44 8.16
C ILE A 164 4.74 -5.30 6.77
N PRO A 165 4.58 -4.05 6.29
CA PRO A 165 3.69 -3.79 5.17
C PRO A 165 4.42 -3.91 3.84
N PHE A 166 4.74 -5.13 3.44
CA PHE A 166 5.54 -5.30 2.23
C PHE A 166 4.73 -5.10 0.96
N GLY A 167 3.59 -5.75 0.88
CA GLY A 167 2.82 -5.78 -0.37
C GLY A 167 3.35 -6.84 -1.31
N GLY A 168 3.06 -6.67 -2.60
CA GLY A 168 3.33 -7.70 -3.60
C GLY A 168 4.60 -7.40 -4.37
N GLY A 169 5.21 -8.42 -4.94
CA GLY A 169 6.37 -8.23 -5.81
C GLY A 169 7.68 -8.25 -5.05
N GLN A 170 8.78 -7.99 -5.75
CA GLN A 170 10.12 -7.99 -5.15
C GLN A 170 10.40 -9.24 -4.32
N THR A 171 10.20 -10.40 -4.93
CA THR A 171 10.08 -11.64 -4.18
C THR A 171 11.37 -11.95 -3.43
N GLU A 172 12.50 -11.58 -4.03
CA GLU A 172 13.81 -11.91 -3.48
C GLU A 172 14.03 -11.11 -2.21
N LYS A 173 13.61 -9.85 -2.25
CA LYS A 173 13.65 -8.96 -1.09
C LYS A 173 12.67 -9.41 0.01
N GLN A 174 11.51 -9.92 -0.39
CA GLN A 174 10.56 -10.44 0.59
C GLN A 174 11.16 -11.59 1.38
N VAL A 175 11.79 -12.53 0.68
CA VAL A 175 12.47 -13.64 1.32
C VAL A 175 13.62 -13.16 2.21
N GLN A 176 14.31 -12.11 1.78
CA GLN A 176 15.38 -11.53 2.58
C GLN A 176 14.85 -11.07 3.94
N LEU A 177 13.65 -10.50 3.95
CA LEU A 177 13.13 -9.89 5.16
C LEU A 177 12.37 -10.88 6.03
N ILE A 178 11.89 -11.97 5.44
CA ILE A 178 11.39 -13.10 6.22
C ILE A 178 12.53 -13.73 7.00
N GLN A 179 13.71 -13.77 6.38
CA GLN A 179 14.93 -14.17 7.05
C GLN A 179 15.32 -13.18 8.13
N ASP A 180 15.42 -11.91 7.76
CA ASP A 180 15.98 -10.88 8.62
C ASP A 180 15.05 -10.50 9.76
N PHE A 181 13.76 -10.41 9.46
CA PHE A 181 12.79 -9.90 10.44
C PHE A 181 12.19 -11.01 11.28
N ARG A 182 12.24 -12.24 10.76
CA ARG A 182 11.58 -13.38 11.42
C ARG A 182 10.11 -13.12 11.75
N PRO A 183 9.29 -12.88 10.71
CA PRO A 183 7.84 -12.79 10.90
C PRO A 183 7.25 -14.11 11.34
N ASP A 184 6.13 -14.04 12.06
CA ASP A 184 5.45 -15.22 12.54
C ASP A 184 4.29 -15.60 11.63
N ILE A 185 3.64 -14.59 11.05
CA ILE A 185 2.47 -14.82 10.22
C ILE A 185 2.69 -14.18 8.86
N ILE A 186 2.35 -14.90 7.80
CA ILE A 186 2.35 -14.30 6.47
C ILE A 186 0.93 -14.25 5.91
N MET A 187 0.57 -13.10 5.35
CA MET A 187 -0.75 -12.92 4.77
C MET A 187 -0.62 -12.64 3.28
N VAL A 188 -1.01 -13.60 2.45
CA VAL A 188 -0.65 -13.61 1.03
C VAL A 188 -1.62 -14.53 0.30
N THR A 189 -1.74 -14.38 -1.01
CA THR A 189 -2.50 -15.33 -1.82
C THR A 189 -1.74 -16.66 -1.85
N PRO A 190 -2.48 -17.79 -1.96
CA PRO A 190 -1.85 -19.10 -1.98
C PRO A 190 -0.94 -19.26 -3.20
N SER A 191 -1.34 -18.68 -4.33
CA SER A 191 -0.55 -18.79 -5.55
C SER A 191 0.79 -18.09 -5.45
N TYR A 192 0.82 -16.93 -4.79
CA TYR A 192 2.07 -16.22 -4.60
C TYR A 192 2.93 -16.86 -3.51
N MET A 193 2.28 -17.35 -2.46
CA MET A 193 3.00 -18.07 -1.41
C MET A 193 3.96 -19.08 -2.04
N LEU A 194 3.45 -19.81 -3.03
CA LEU A 194 4.22 -20.86 -3.70
C LEU A 194 5.51 -20.31 -4.31
N SER A 195 5.43 -19.14 -4.93
CA SER A 195 6.61 -18.48 -5.49
C SER A 195 7.56 -18.00 -4.41
N ILE A 196 7.00 -17.57 -3.28
CA ILE A 196 7.82 -17.18 -2.15
C ILE A 196 8.63 -18.36 -1.60
N ALA A 197 7.97 -19.51 -1.43
CA ALA A 197 8.64 -20.72 -0.98
C ALA A 197 9.71 -21.19 -1.97
N ASP A 198 9.42 -21.12 -3.26
CA ASP A 198 10.42 -21.42 -4.29
C ASP A 198 11.69 -20.59 -4.08
N GLU A 199 11.50 -19.31 -3.76
CA GLU A 199 12.63 -18.39 -3.65
C GLU A 199 13.43 -18.63 -2.37
N ILE A 200 12.74 -19.02 -1.30
CA ILE A 200 13.41 -19.51 -0.10
C ILE A 200 14.36 -20.67 -0.43
N GLU A 201 13.85 -21.68 -1.12
CA GLU A 201 14.67 -22.80 -1.56
C GLU A 201 15.82 -22.33 -2.45
N ARG A 202 15.54 -21.36 -3.31
CA ARG A 202 16.53 -20.89 -4.27
C ARG A 202 17.73 -20.18 -3.63
N GLN A 203 17.56 -19.67 -2.42
CA GLN A 203 18.53 -18.72 -1.86
C GLN A 203 19.10 -19.08 -0.48
N GLY A 204 19.76 -20.23 -0.39
CA GLY A 204 19.12 -21.53 -0.54
C GLY A 204 18.78 -22.13 0.82
N LEU A 205 17.62 -21.76 1.35
CA LEU A 205 17.27 -22.04 2.74
C LEU A 205 16.23 -23.14 2.85
N ASP A 206 16.10 -23.72 4.03
CA ASP A 206 15.10 -24.73 4.27
C ASP A 206 13.78 -24.08 4.71
N PRO A 207 12.81 -24.03 3.79
CA PRO A 207 11.53 -23.36 4.05
C PRO A 207 10.96 -23.72 5.42
N VAL A 208 10.98 -25.01 5.74
CA VAL A 208 10.42 -25.50 6.99
C VAL A 208 11.11 -24.88 8.19
N GLN A 209 12.30 -24.32 7.97
CA GLN A 209 13.09 -23.77 9.06
C GLN A 209 12.85 -22.27 9.28
N SER A 210 11.97 -21.69 8.46
CA SER A 210 11.59 -20.29 8.61
C SER A 210 11.01 -20.01 9.99
N SER A 211 11.00 -18.73 10.36
CA SER A 211 10.24 -18.25 11.51
C SER A 211 8.72 -18.40 11.33
N LEU A 212 8.28 -18.45 10.08
CA LEU A 212 6.84 -18.44 9.81
C LEU A 212 6.12 -19.58 10.51
N ARG A 213 5.03 -19.24 11.19
CA ARG A 213 4.23 -20.22 11.93
C ARG A 213 2.88 -20.40 11.26
N ILE A 214 2.33 -19.30 10.74
CA ILE A 214 0.95 -19.26 10.23
C ILE A 214 0.93 -18.56 8.86
N GLY A 215 0.13 -19.10 7.94
CA GLY A 215 -0.19 -18.41 6.69
C GLY A 215 -1.68 -18.21 6.56
N ILE A 216 -2.10 -16.99 6.23
CA ILE A 216 -3.51 -16.69 6.07
C ILE A 216 -3.81 -16.32 4.63
N PHE A 217 -4.34 -17.29 3.90
CA PHE A 217 -4.34 -17.30 2.43
C PHE A 217 -5.77 -17.11 1.92
N GLY A 218 -5.95 -16.22 0.95
CA GLY A 218 -7.25 -16.02 0.32
C GLY A 218 -7.13 -15.21 -0.96
N ALA A 219 -8.25 -14.65 -1.39
CA ALA A 219 -8.35 -13.83 -2.61
C ALA A 219 -8.60 -14.63 -3.89
N GLU A 220 -8.59 -15.94 -3.77
CA GLU A 220 -8.61 -16.82 -4.94
C GLU A 220 -8.84 -18.23 -4.47
N PRO A 221 -9.46 -19.06 -5.32
CA PRO A 221 -9.78 -20.43 -4.96
C PRO A 221 -8.50 -21.26 -4.86
N TRP A 222 -8.43 -22.10 -3.84
CA TRP A 222 -7.30 -23.02 -3.66
C TRP A 222 -7.79 -24.27 -2.93
N THR A 223 -7.35 -25.44 -3.39
CA THR A 223 -7.86 -26.70 -2.86
C THR A 223 -7.29 -26.95 -1.47
N ASN A 224 -7.94 -27.84 -0.73
CA ASN A 224 -7.35 -28.39 0.48
C ASN A 224 -6.08 -29.20 0.21
N ASP A 225 -6.01 -29.82 -0.96
CA ASP A 225 -4.76 -30.42 -1.43
C ASP A 225 -3.62 -29.40 -1.46
N MET A 226 -3.90 -28.24 -2.04
CA MET A 226 -2.96 -27.12 -2.01
C MET A 226 -2.58 -26.73 -0.57
N ARG A 227 -3.58 -26.71 0.31
CA ARG A 227 -3.34 -26.37 1.72
C ARG A 227 -2.28 -27.28 2.34
N VAL A 228 -2.51 -28.59 2.24
CA VAL A 228 -1.61 -29.60 2.79
C VAL A 228 -0.23 -29.51 2.15
N ALA A 229 -0.21 -29.20 0.85
CA ALA A 229 1.05 -28.99 0.13
C ALA A 229 1.86 -27.86 0.75
N ILE A 230 1.21 -26.71 0.98
CA ILE A 230 1.88 -25.54 1.53
C ILE A 230 2.26 -25.77 3.00
N GLU A 231 1.35 -26.39 3.74
CA GLU A 231 1.58 -26.65 5.16
C GLU A 231 2.82 -27.53 5.34
N GLN A 232 2.99 -28.51 4.45
CA GLN A 232 4.07 -29.49 4.57
C GLN A 232 5.39 -28.86 4.15
N ARG A 233 5.35 -28.12 3.04
CA ARG A 233 6.50 -27.41 2.50
C ARG A 233 7.08 -26.39 3.48
N MET A 234 6.20 -25.62 4.11
CA MET A 234 6.60 -24.41 4.83
C MET A 234 6.69 -24.68 6.32
N GLY A 235 6.24 -25.87 6.73
CA GLY A 235 6.02 -26.17 8.14
C GLY A 235 5.18 -25.12 8.85
N ILE A 236 4.02 -24.81 8.29
CA ILE A 236 3.09 -23.86 8.90
C ILE A 236 1.70 -24.46 9.06
N ASP A 237 0.87 -23.78 9.86
CA ASP A 237 -0.58 -23.85 9.69
C ASP A 237 -1.04 -22.91 8.58
N ALA A 238 -1.89 -23.41 7.68
CA ALA A 238 -2.45 -22.57 6.64
C ALA A 238 -3.96 -22.50 6.78
N VAL A 239 -4.48 -21.29 6.89
CA VAL A 239 -5.92 -21.08 7.01
C VAL A 239 -6.49 -20.24 5.88
N ASP A 240 -7.80 -20.33 5.71
CA ASP A 240 -8.51 -19.83 4.54
C ASP A 240 -9.24 -18.56 4.97
N ILE A 241 -8.81 -17.42 4.45
CA ILE A 241 -9.53 -16.16 4.70
C ILE A 241 -10.28 -15.70 3.45
N TYR A 242 -11.56 -15.36 3.63
CA TYR A 242 -12.43 -15.11 2.48
C TYR A 242 -12.99 -13.69 2.52
N GLY A 243 -13.24 -13.12 1.36
CA GLY A 243 -14.00 -11.88 1.28
C GLY A 243 -14.12 -11.42 -0.15
N LEU A 244 -14.90 -10.36 -0.37
CA LEU A 244 -15.00 -9.71 -1.68
C LEU A 244 -15.32 -8.25 -1.45
N SER A 245 -14.77 -7.40 -2.31
CA SER A 245 -14.70 -5.98 -2.06
C SER A 245 -16.10 -5.36 -2.00
N GLU A 246 -17.07 -5.99 -2.66
CA GLU A 246 -18.43 -5.46 -2.71
C GLU A 246 -19.09 -5.58 -1.34
N VAL A 247 -18.76 -6.65 -0.63
CA VAL A 247 -19.29 -6.85 0.71
C VAL A 247 -18.45 -6.14 1.77
N MET A 248 -17.14 -6.32 1.70
CA MET A 248 -16.23 -5.52 2.53
C MET A 248 -14.80 -5.54 2.01
N GLY A 249 -14.28 -6.74 1.81
CA GLY A 249 -12.83 -6.97 1.74
C GLY A 249 -12.51 -8.31 2.37
N PRO A 250 -11.22 -8.61 2.59
CA PRO A 250 -10.90 -9.82 3.35
C PRO A 250 -11.52 -9.69 4.74
N GLY A 251 -11.95 -10.83 5.29
CA GLY A 251 -12.45 -10.84 6.66
C GLY A 251 -13.95 -10.87 6.74
N VAL A 252 -14.62 -11.15 5.62
CA VAL A 252 -16.04 -11.49 5.68
C VAL A 252 -16.24 -12.80 6.40
N ALA A 253 -15.28 -13.72 6.20
CA ALA A 253 -15.31 -15.04 6.79
C ALA A 253 -13.87 -15.55 6.90
N SER A 254 -13.58 -16.34 7.91
CA SER A 254 -12.22 -16.79 8.08
C SER A 254 -12.14 -18.06 8.91
N GLU A 255 -11.17 -18.90 8.56
CA GLU A 255 -11.12 -20.26 9.10
C GLU A 255 -10.52 -20.22 10.50
N CYS A 256 -11.12 -20.97 11.42
CA CYS A 256 -10.49 -21.25 12.69
C CYS A 256 -9.41 -22.31 12.59
N VAL A 257 -8.21 -21.98 13.05
CA VAL A 257 -7.06 -22.90 12.98
C VAL A 257 -7.24 -24.21 13.75
N GLU A 258 -8.08 -24.19 14.78
CA GLU A 258 -8.27 -25.38 15.61
C GLU A 258 -9.08 -26.46 14.89
N THR A 259 -9.76 -26.09 13.81
CA THR A 259 -10.69 -27.01 13.14
C THR A 259 -10.42 -27.09 11.63
N LYS A 260 -9.91 -26.00 11.07
CA LYS A 260 -9.59 -25.97 9.64
C LYS A 260 -10.69 -26.61 8.82
N ASP A 261 -11.92 -26.15 9.03
CA ASP A 261 -13.10 -26.81 8.48
C ASP A 261 -13.94 -25.87 7.65
N GLY A 262 -13.28 -24.95 6.94
CA GLY A 262 -13.97 -23.94 6.14
C GLY A 262 -14.03 -22.60 6.84
N PRO A 263 -14.03 -21.52 6.07
CA PRO A 263 -14.13 -20.20 6.71
C PRO A 263 -15.40 -20.09 7.58
N THR A 264 -15.23 -19.67 8.83
CA THR A 264 -16.37 -19.27 9.63
C THR A 264 -16.86 -17.90 9.20
N ILE A 265 -18.15 -17.79 8.92
CA ILE A 265 -18.71 -16.53 8.45
C ILE A 265 -18.98 -15.61 9.64
N TRP A 266 -18.53 -14.36 9.54
CA TRP A 266 -18.83 -13.41 10.62
C TRP A 266 -20.23 -12.82 10.48
N GLU A 267 -21.22 -13.64 10.79
CA GLU A 267 -22.59 -13.34 10.45
C GLU A 267 -23.25 -12.45 11.51
N ASP A 268 -22.46 -11.92 12.45
CA ASP A 268 -22.92 -10.79 13.24
C ASP A 268 -22.84 -9.47 12.46
N HIS A 269 -22.14 -9.52 11.33
CA HIS A 269 -21.94 -8.37 10.46
C HIS A 269 -22.34 -8.62 8.99
N PHE A 270 -22.25 -9.88 8.56
CA PHE A 270 -22.66 -10.24 7.20
C PHE A 270 -23.55 -11.48 7.16
N TYR A 271 -24.81 -11.30 6.78
CA TYR A 271 -25.80 -12.36 6.87
C TYR A 271 -25.85 -13.15 5.57
N PRO A 272 -25.48 -14.44 5.62
CA PRO A 272 -25.33 -15.27 4.43
C PRO A 272 -26.62 -16.00 4.08
N GLU A 273 -26.84 -16.20 2.79
CA GLU A 273 -27.84 -17.14 2.30
C GLU A 273 -27.22 -18.00 1.22
N ILE A 274 -27.86 -19.12 0.91
CA ILE A 274 -27.51 -19.93 -0.26
C ILE A 274 -28.76 -20.09 -1.12
N ILE A 275 -28.65 -19.68 -2.38
CA ILE A 275 -29.78 -19.77 -3.31
C ILE A 275 -29.51 -20.76 -4.44
N ASP A 276 -30.58 -21.30 -5.03
CA ASP A 276 -30.47 -21.95 -6.34
C ASP A 276 -30.20 -20.88 -7.38
N PRO A 277 -29.01 -20.92 -8.00
CA PRO A 277 -28.56 -19.79 -8.80
C PRO A 277 -29.45 -19.57 -10.02
N GLU A 278 -30.21 -20.59 -10.40
CA GLU A 278 -31.11 -20.50 -11.54
C GLU A 278 -32.44 -19.86 -11.18
N THR A 279 -33.00 -20.24 -10.04
CA THR A 279 -34.33 -19.78 -9.64
C THR A 279 -34.30 -18.68 -8.56
N GLY A 280 -33.19 -18.56 -7.85
CA GLY A 280 -33.09 -17.60 -6.77
C GLY A 280 -33.75 -18.08 -5.48
N GLU A 281 -34.28 -19.29 -5.53
CA GLU A 281 -34.89 -19.89 -4.35
C GLU A 281 -33.83 -20.11 -3.27
N VAL A 282 -34.19 -19.79 -2.03
CA VAL A 282 -33.33 -20.02 -0.89
C VAL A 282 -33.27 -21.50 -0.54
N LEU A 283 -32.06 -22.04 -0.41
CA LEU A 283 -31.86 -23.45 -0.07
C LEU A 283 -31.72 -23.65 1.44
N PRO A 284 -32.11 -24.82 1.93
CA PRO A 284 -31.81 -25.19 3.32
C PRO A 284 -30.30 -25.34 3.53
N ASP A 285 -29.86 -25.08 4.76
CA ASP A 285 -28.45 -25.26 5.11
C ASP A 285 -27.97 -26.67 4.83
N GLY A 286 -26.80 -26.79 4.21
CA GLY A 286 -26.25 -28.09 3.84
C GLY A 286 -26.33 -28.35 2.35
N GLU A 287 -27.23 -27.66 1.66
CA GLU A 287 -27.37 -27.81 0.23
C GLU A 287 -26.50 -26.83 -0.52
N LEU A 288 -25.91 -27.29 -1.61
CA LEU A 288 -24.99 -26.49 -2.41
C LEU A 288 -25.71 -25.46 -3.28
N GLY A 289 -25.13 -24.27 -3.40
CA GLY A 289 -25.71 -23.22 -4.22
C GLY A 289 -24.85 -21.98 -4.25
N GLU A 290 -25.43 -20.87 -4.69
CA GLU A 290 -24.70 -19.62 -4.77
C GLU A 290 -24.83 -18.83 -3.47
N LEU A 291 -23.71 -18.31 -2.99
CA LEU A 291 -23.65 -17.67 -1.69
C LEU A 291 -23.99 -16.19 -1.84
N VAL A 292 -24.84 -15.70 -0.94
CA VAL A 292 -25.43 -14.36 -1.04
C VAL A 292 -25.18 -13.68 0.32
N PHE A 293 -24.78 -12.41 0.32
CA PHE A 293 -24.57 -11.67 1.57
C PHE A 293 -25.44 -10.43 1.69
N THR A 294 -25.85 -10.13 2.91
CA THR A 294 -26.45 -8.85 3.24
C THR A 294 -25.68 -8.20 4.39
N SER A 295 -25.20 -6.98 4.16
CA SER A 295 -24.48 -6.28 5.23
C SER A 295 -25.44 -5.88 6.34
N LEU A 296 -24.96 -5.98 7.59
CA LEU A 296 -25.81 -5.73 8.75
C LEU A 296 -25.51 -4.41 9.47
N THR A 297 -24.30 -3.88 9.30
CA THR A 297 -23.86 -2.72 10.04
C THR A 297 -23.14 -1.68 9.16
N LYS A 298 -23.13 -1.91 7.84
CA LYS A 298 -22.40 -1.04 6.92
C LYS A 298 -23.15 0.25 6.68
N GLU A 299 -22.41 1.36 6.73
CA GLU A 299 -22.99 2.69 6.54
C GLU A 299 -22.91 3.22 5.11
N ALA A 300 -21.70 3.32 4.57
CA ALA A 300 -21.48 4.00 3.28
C ALA A 300 -22.09 3.21 2.11
N LEU A 301 -21.86 1.90 2.09
CA LEU A 301 -22.36 1.11 0.98
C LEU A 301 -23.07 -0.13 1.49
N PRO A 302 -24.27 0.05 2.08
CA PRO A 302 -25.05 -1.12 2.48
C PRO A 302 -25.30 -1.98 1.26
N ILE A 303 -25.13 -3.28 1.43
CA ILE A 303 -25.31 -4.23 0.34
C ILE A 303 -26.36 -5.28 0.73
N ILE A 304 -27.38 -5.42 -0.11
CA ILE A 304 -28.56 -6.24 0.21
C ILE A 304 -28.66 -7.46 -0.71
N ARG A 305 -28.58 -8.65 -0.12
CA ARG A 305 -28.65 -9.90 -0.87
C ARG A 305 -27.74 -9.86 -2.11
N TYR A 306 -26.45 -9.63 -1.88
CA TYR A 306 -25.47 -9.54 -2.95
C TYR A 306 -25.09 -10.94 -3.42
N ARG A 307 -25.29 -11.19 -4.71
CA ARG A 307 -24.93 -12.48 -5.29
C ARG A 307 -23.44 -12.53 -5.63
N THR A 308 -22.69 -13.34 -4.88
CA THR A 308 -21.24 -13.34 -4.96
C THR A 308 -20.73 -14.08 -6.21
N ARG A 309 -21.59 -14.90 -6.81
CA ARG A 309 -21.18 -15.89 -7.82
C ARG A 309 -20.28 -17.01 -7.32
N ASP A 310 -20.04 -17.08 -6.02
CA ASP A 310 -19.30 -18.19 -5.44
C ASP A 310 -20.22 -19.33 -5.05
N LEU A 311 -19.83 -20.54 -5.38
CA LEU A 311 -20.65 -21.70 -5.08
C LEU A 311 -20.17 -22.40 -3.82
N THR A 312 -21.10 -22.66 -2.90
CA THR A 312 -20.75 -23.29 -1.63
C THR A 312 -22.00 -23.71 -0.86
N ARG A 313 -21.81 -24.17 0.37
CA ARG A 313 -22.93 -24.52 1.24
C ARG A 313 -22.67 -24.03 2.67
N LEU A 314 -23.76 -23.75 3.40
CA LEU A 314 -23.66 -23.35 4.79
C LEU A 314 -23.64 -24.56 5.72
N LEU A 315 -22.75 -24.51 6.71
CA LEU A 315 -22.51 -25.64 7.59
C LEU A 315 -22.57 -25.12 9.03
N PRO A 316 -23.05 -25.96 9.95
CA PRO A 316 -23.22 -25.53 11.32
C PRO A 316 -21.89 -25.06 11.92
N GLY A 317 -21.95 -24.02 12.75
CA GLY A 317 -20.77 -23.54 13.45
C GLY A 317 -20.13 -24.63 14.29
N THR A 318 -18.80 -24.63 14.36
CA THR A 318 -18.07 -25.57 15.19
C THR A 318 -17.25 -24.85 16.27
N ALA A 319 -16.12 -24.27 15.86
CA ALA A 319 -15.27 -23.52 16.80
C ALA A 319 -15.90 -22.18 17.21
N ARG A 320 -16.95 -21.77 16.49
CA ARG A 320 -17.71 -20.57 16.83
C ARG A 320 -19.20 -20.87 16.78
N THR A 321 -20.01 -19.95 17.30
CA THR A 321 -21.46 -19.98 17.12
C THR A 321 -21.85 -19.78 15.65
N MET A 322 -21.12 -18.90 14.98
CA MET A 322 -21.40 -18.58 13.58
C MET A 322 -21.23 -19.78 12.66
N ARG A 323 -22.04 -19.83 11.62
CA ARG A 323 -21.96 -20.90 10.63
C ARG A 323 -20.69 -20.79 9.79
N ARG A 324 -20.32 -21.87 9.10
CA ARG A 324 -19.23 -21.83 8.12
C ARG A 324 -19.76 -21.88 6.68
N MET A 325 -18.94 -21.40 5.73
CA MET A 325 -19.03 -21.85 4.32
C MET A 325 -18.12 -23.04 4.14
N GLU A 326 -18.55 -23.98 3.33
CA GLU A 326 -17.61 -24.91 2.72
C GLU A 326 -16.59 -24.15 1.87
N LYS A 327 -15.34 -24.59 1.89
CA LYS A 327 -14.36 -24.06 0.96
C LYS A 327 -14.96 -23.98 -0.44
N ILE A 328 -14.67 -22.89 -1.14
CA ILE A 328 -15.46 -22.53 -2.30
C ILE A 328 -15.21 -23.48 -3.47
N THR A 329 -16.26 -24.22 -3.82
CA THR A 329 -16.15 -25.36 -4.73
C THR A 329 -15.85 -24.90 -6.16
N GLY A 330 -16.00 -23.60 -6.39
CA GLY A 330 -16.16 -23.09 -7.74
C GLY A 330 -16.82 -21.73 -7.73
N ARG A 331 -16.63 -20.99 -8.81
CA ARG A 331 -17.31 -19.72 -9.02
C ARG A 331 -17.54 -19.54 -10.51
N SER A 332 -18.55 -18.76 -10.86
CA SER A 332 -18.98 -18.69 -12.25
C SER A 332 -17.94 -18.00 -13.14
N ASP A 333 -17.03 -17.26 -12.53
CA ASP A 333 -16.17 -16.33 -13.26
C ASP A 333 -15.07 -17.03 -14.08
N ASP A 334 -14.50 -18.11 -13.53
CA ASP A 334 -13.50 -18.88 -14.28
C ASP A 334 -13.86 -20.37 -14.42
N MET A 335 -15.15 -20.67 -14.37
CA MET A 335 -15.65 -21.98 -14.78
C MET A 335 -15.54 -22.16 -16.30
N MET A 336 -15.01 -23.30 -16.71
CA MET A 336 -14.85 -23.64 -18.13
C MET A 336 -15.92 -24.64 -18.55
N ILE A 337 -16.45 -24.46 -19.75
CA ILE A 337 -17.24 -25.49 -20.41
C ILE A 337 -16.42 -26.12 -21.54
N VAL A 338 -16.09 -27.39 -21.39
CA VAL A 338 -15.13 -28.06 -22.26
C VAL A 338 -15.76 -29.34 -22.82
N ARG A 339 -16.12 -29.30 -24.09
CA ARG A 339 -16.83 -30.42 -24.72
C ARG A 339 -18.10 -30.77 -23.94
N GLY A 340 -18.83 -29.75 -23.50
CA GLY A 340 -20.09 -29.96 -22.80
C GLY A 340 -19.93 -30.14 -21.29
N VAL A 341 -18.70 -30.30 -20.84
CA VAL A 341 -18.42 -30.58 -19.43
C VAL A 341 -18.04 -29.29 -18.69
N ASN A 342 -18.73 -29.02 -17.59
CA ASN A 342 -18.39 -27.89 -16.72
C ASN A 342 -17.21 -28.25 -15.82
N VAL A 343 -16.12 -27.52 -15.93
CA VAL A 343 -14.99 -27.76 -15.04
C VAL A 343 -14.36 -26.51 -14.44
N PHE A 344 -14.14 -26.57 -13.13
CA PHE A 344 -13.45 -25.50 -12.42
C PHE A 344 -11.96 -25.78 -12.41
N PRO A 345 -11.15 -24.72 -12.51
CA PRO A 345 -9.70 -24.80 -12.44
C PRO A 345 -9.19 -25.61 -11.25
N THR A 346 -9.81 -25.45 -10.08
CA THR A 346 -9.40 -26.19 -8.90
C THR A 346 -9.55 -27.70 -9.06
N GLN A 347 -10.49 -28.12 -9.89
CA GLN A 347 -10.63 -29.54 -10.21
C GLN A 347 -9.36 -30.06 -10.87
N ILE A 348 -8.81 -29.26 -11.78
CA ILE A 348 -7.52 -29.56 -12.39
C ILE A 348 -6.38 -29.49 -11.39
N GLU A 349 -6.40 -28.47 -10.55
CA GLU A 349 -5.38 -28.31 -9.53
C GLU A 349 -5.27 -29.55 -8.66
N GLU A 350 -6.41 -30.14 -8.30
CA GLU A 350 -6.44 -31.30 -7.41
C GLU A 350 -5.71 -32.51 -8.01
N GLN A 351 -5.85 -32.70 -9.32
CA GLN A 351 -5.16 -33.79 -9.99
C GLN A 351 -3.68 -33.48 -10.18
N LEU A 352 -3.37 -32.22 -10.51
CA LEU A 352 -1.98 -31.81 -10.68
C LEU A 352 -1.21 -32.07 -9.40
N LEU A 353 -1.83 -31.79 -8.27
CA LEU A 353 -1.14 -31.84 -6.98
C LEU A 353 -0.79 -33.25 -6.56
N LYS A 354 -1.33 -34.25 -7.27
CA LYS A 354 -0.99 -35.65 -7.02
C LYS A 354 0.38 -36.02 -7.55
N GLN A 355 0.91 -35.21 -8.45
CA GLN A 355 2.17 -35.53 -9.11
C GLN A 355 3.34 -34.85 -8.41
N ARG A 356 4.14 -35.63 -7.71
CA ARG A 356 5.27 -35.09 -6.95
C ARG A 356 6.43 -34.67 -7.84
N ALA A 357 6.50 -35.23 -9.05
CA ALA A 357 7.53 -34.81 -9.99
C ALA A 357 7.23 -33.45 -10.65
N LEU A 358 6.00 -32.98 -10.52
CA LEU A 358 5.62 -31.68 -11.11
C LEU A 358 5.45 -30.58 -10.04
N ALA A 359 5.67 -29.34 -10.43
CA ALA A 359 5.47 -28.18 -9.54
C ALA A 359 3.98 -27.91 -9.32
N PRO A 360 3.66 -27.06 -8.32
CA PRO A 360 2.27 -26.71 -8.04
C PRO A 360 1.76 -25.51 -8.84
N HIS A 361 2.60 -25.00 -9.74
CA HIS A 361 2.19 -23.91 -10.63
C HIS A 361 1.53 -24.50 -11.86
N TYR A 362 0.49 -23.82 -12.37
CA TYR A 362 -0.11 -24.24 -13.63
C TYR A 362 -0.80 -23.10 -14.33
N GLN A 363 -1.10 -23.29 -15.61
CA GLN A 363 -2.06 -22.45 -16.32
C GLN A 363 -2.76 -23.25 -17.41
N ILE A 364 -4.06 -23.00 -17.55
CA ILE A 364 -4.88 -23.70 -18.54
C ILE A 364 -5.08 -22.81 -19.76
N VAL A 365 -4.83 -23.38 -20.95
CA VAL A 365 -5.09 -22.66 -22.19
C VAL A 365 -6.08 -23.43 -23.04
N LEU A 366 -7.15 -22.74 -23.44
CA LEU A 366 -8.21 -23.35 -24.23
C LEU A 366 -8.15 -22.89 -25.67
N THR A 367 -8.20 -23.85 -26.59
CA THR A 367 -8.25 -23.57 -28.01
C THR A 367 -9.34 -24.42 -28.67
N LYS A 368 -9.58 -24.17 -29.96
CA LYS A 368 -10.47 -25.02 -30.73
C LYS A 368 -9.67 -25.77 -31.79
N GLU A 369 -10.04 -27.02 -32.03
CA GLU A 369 -9.59 -27.72 -33.22
C GLU A 369 -10.75 -28.46 -33.85
N GLY A 370 -11.26 -27.89 -34.94
CA GLY A 370 -12.50 -28.35 -35.53
C GLY A 370 -13.63 -28.25 -34.51
N PRO A 371 -14.30 -29.38 -34.23
CA PRO A 371 -15.40 -29.46 -33.29
C PRO A 371 -14.91 -29.49 -31.84
N LEU A 372 -13.62 -29.71 -31.64
CA LEU A 372 -13.09 -30.06 -30.33
C LEU A 372 -12.58 -28.85 -29.54
N ASP A 373 -13.01 -28.74 -28.29
CA ASP A 373 -12.32 -27.90 -27.30
C ASP A 373 -11.02 -28.57 -26.90
N VAL A 374 -9.90 -27.88 -27.10
CA VAL A 374 -8.63 -28.41 -26.66
C VAL A 374 -8.21 -27.75 -25.35
N LEU A 375 -8.06 -28.56 -24.31
CA LEU A 375 -7.57 -28.06 -23.03
C LEU A 375 -6.10 -28.42 -22.87
N THR A 376 -5.23 -27.42 -22.92
CA THR A 376 -3.82 -27.64 -22.68
C THR A 376 -3.45 -27.17 -21.28
N LEU A 377 -3.00 -28.10 -20.46
CA LEU A 377 -2.56 -27.79 -19.11
C LEU A 377 -1.05 -27.56 -19.09
N ASN A 378 -0.63 -26.30 -18.97
CA ASN A 378 0.79 -25.97 -18.87
C ASN A 378 1.29 -26.22 -17.45
N VAL A 379 2.33 -27.04 -17.33
CA VAL A 379 2.91 -27.39 -16.04
C VAL A 379 4.44 -27.26 -16.12
N GLU A 380 5.11 -27.38 -14.98
CA GLU A 380 6.58 -27.40 -14.92
C GLU A 380 7.03 -28.61 -14.10
N PRO A 381 8.26 -29.08 -14.35
CA PRO A 381 8.88 -29.98 -13.39
C PRO A 381 9.28 -29.25 -12.10
N CYS A 382 9.38 -29.98 -11.00
CA CYS A 382 10.30 -29.62 -9.92
C CYS A 382 11.71 -29.45 -10.46
N PRO A 383 12.44 -28.45 -9.94
CA PRO A 383 13.86 -28.30 -10.18
C PRO A 383 14.64 -29.61 -10.08
N GLU A 384 14.44 -30.36 -9.01
CA GLU A 384 15.14 -31.62 -8.80
C GLU A 384 14.86 -32.63 -9.90
N THR A 385 13.60 -32.71 -10.33
CA THR A 385 13.17 -33.75 -11.26
C THR A 385 13.22 -33.29 -12.72
N ALA A 386 13.57 -32.02 -12.92
CA ALA A 386 13.61 -31.45 -14.26
C ALA A 386 14.39 -32.31 -15.27
N PRO A 387 15.56 -32.85 -14.85
CA PRO A 387 16.39 -33.63 -15.80
C PRO A 387 15.96 -35.09 -15.89
N ASP A 388 15.01 -35.48 -15.04
CA ASP A 388 14.57 -36.87 -14.94
C ASP A 388 13.43 -37.12 -15.91
N THR A 389 13.79 -37.39 -17.17
CA THR A 389 12.82 -37.40 -18.25
C THR A 389 11.80 -38.54 -18.07
N ALA A 390 12.25 -39.64 -17.46
CA ALA A 390 11.36 -40.78 -17.23
C ALA A 390 10.30 -40.45 -16.18
N ALA A 391 10.73 -39.81 -15.10
CA ALA A 391 9.82 -39.37 -14.05
C ALA A 391 8.76 -38.38 -14.52
N ILE A 392 9.17 -37.44 -15.37
CA ILE A 392 8.25 -36.47 -15.94
C ILE A 392 7.23 -37.15 -16.84
N GLN A 393 7.68 -38.14 -17.61
CA GLN A 393 6.78 -38.82 -18.54
C GLN A 393 5.69 -39.59 -17.80
N VAL A 394 6.06 -40.31 -16.75
CA VAL A 394 5.08 -40.98 -15.91
C VAL A 394 4.08 -39.98 -15.36
N ALA A 395 4.57 -38.81 -14.98
CA ALA A 395 3.71 -37.76 -14.44
C ALA A 395 2.69 -37.23 -15.45
N LYS A 396 3.18 -36.79 -16.61
CA LYS A 396 2.29 -36.32 -17.67
C LYS A 396 1.17 -37.33 -17.85
N GLN A 397 1.56 -38.61 -17.89
CA GLN A 397 0.67 -39.69 -18.27
C GLN A 397 -0.41 -39.94 -17.22
N ALA A 398 0.01 -40.07 -15.96
CA ALA A 398 -0.95 -40.25 -14.87
C ALA A 398 -1.89 -39.05 -14.74
N LEU A 399 -1.33 -37.85 -14.88
CA LEU A 399 -2.13 -36.64 -14.80
C LEU A 399 -3.21 -36.60 -15.87
N ALA A 400 -2.82 -36.80 -17.13
CA ALA A 400 -3.80 -36.81 -18.21
C ALA A 400 -4.89 -37.85 -17.97
N TYR A 401 -4.50 -39.00 -17.42
CA TYR A 401 -5.47 -40.06 -17.14
C TYR A 401 -6.44 -39.69 -16.04
N ASP A 402 -5.90 -39.16 -14.94
CA ASP A 402 -6.74 -38.73 -13.82
C ASP A 402 -7.76 -37.69 -14.27
N ILE A 403 -7.32 -36.76 -15.12
CA ILE A 403 -8.23 -35.74 -15.61
C ILE A 403 -9.35 -36.33 -16.46
N LYS A 404 -9.02 -37.26 -17.35
CA LYS A 404 -10.03 -37.91 -18.17
C LYS A 404 -10.96 -38.75 -17.31
N SER A 405 -10.39 -39.58 -16.44
CA SER A 405 -11.18 -40.57 -15.72
C SER A 405 -12.01 -39.94 -14.59
N LEU A 406 -11.47 -38.90 -13.95
CA LEU A 406 -12.16 -38.29 -12.82
C LEU A 406 -12.98 -37.04 -13.16
N ILE A 407 -12.54 -36.29 -14.16
CA ILE A 407 -13.23 -35.07 -14.55
C ILE A 407 -13.96 -35.22 -15.90
N GLY A 408 -13.54 -36.20 -16.69
CA GLY A 408 -14.22 -36.50 -17.94
C GLY A 408 -13.78 -35.60 -19.08
N VAL A 409 -12.59 -35.01 -18.96
CA VAL A 409 -12.09 -34.14 -20.02
C VAL A 409 -10.77 -34.65 -20.57
N THR A 410 -10.56 -34.44 -21.87
CA THR A 410 -9.28 -34.74 -22.49
C THR A 410 -8.33 -33.54 -22.44
N ALA A 411 -7.20 -33.73 -21.76
CA ALA A 411 -6.24 -32.64 -21.56
C ALA A 411 -4.90 -33.01 -22.16
N VAL A 412 -4.31 -32.04 -22.87
CA VAL A 412 -2.91 -32.11 -23.26
C VAL A 412 -2.05 -31.54 -22.15
N ILE A 413 -1.12 -32.34 -21.64
CA ILE A 413 -0.19 -31.88 -20.63
C ILE A 413 1.08 -31.34 -21.30
N ASN A 414 1.33 -30.06 -21.11
CA ASN A 414 2.44 -29.39 -21.77
C ASN A 414 3.47 -28.98 -20.75
N VAL A 415 4.52 -29.78 -20.61
CA VAL A 415 5.55 -29.51 -19.61
C VAL A 415 6.50 -28.45 -20.11
N LEU A 416 6.46 -27.29 -19.45
CA LEU A 416 7.34 -26.19 -19.78
C LEU A 416 8.63 -26.30 -18.99
N PRO A 417 9.63 -25.48 -19.32
CA PRO A 417 10.81 -25.44 -18.49
C PRO A 417 10.51 -24.82 -17.12
N VAL A 418 11.35 -25.10 -16.12
CA VAL A 418 11.26 -24.43 -14.83
C VAL A 418 11.17 -22.92 -15.03
N ASN A 419 10.15 -22.30 -14.43
CA ASN A 419 9.93 -20.86 -14.54
C ASN A 419 9.33 -20.43 -15.88
N GLY A 420 8.87 -21.40 -16.66
CA GLY A 420 8.24 -21.12 -17.94
C GLY A 420 6.83 -20.58 -17.82
N ILE A 421 6.18 -20.82 -16.70
CA ILE A 421 4.88 -20.19 -16.43
C ILE A 421 5.08 -18.88 -15.67
N GLU A 422 4.43 -17.82 -16.12
CA GLU A 422 4.55 -16.53 -15.47
C GLU A 422 3.96 -16.61 -14.06
N ARG A 423 4.71 -16.08 -13.09
CA ARG A 423 4.35 -16.23 -11.68
C ARG A 423 3.34 -15.17 -11.23
N SER A 424 2.37 -15.61 -10.44
CA SER A 424 1.43 -14.71 -9.78
C SER A 424 2.13 -13.92 -8.68
N VAL A 425 1.88 -12.62 -8.62
CA VAL A 425 2.18 -11.84 -7.42
C VAL A 425 0.91 -11.47 -6.66
N GLY A 426 -0.24 -11.89 -7.18
CA GLY A 426 -1.51 -11.74 -6.48
C GLY A 426 -2.43 -12.90 -6.77
N LYS A 427 -3.53 -12.63 -7.47
CA LYS A 427 -4.37 -13.68 -7.99
C LYS A 427 -3.79 -14.24 -9.27
N ALA A 428 -3.61 -15.56 -9.30
CA ALA A 428 -3.19 -16.27 -10.50
C ALA A 428 -4.28 -16.22 -11.57
N ARG A 429 -3.89 -15.98 -12.81
CA ARG A 429 -4.79 -16.17 -13.95
C ARG A 429 -4.78 -17.64 -14.36
N ARG A 430 -5.78 -18.39 -13.91
CA ARG A 430 -5.79 -19.84 -14.08
C ARG A 430 -6.03 -20.24 -15.53
N VAL A 431 -6.83 -19.44 -16.24
CA VAL A 431 -7.39 -19.87 -17.52
C VAL A 431 -7.15 -18.81 -18.57
N VAL A 432 -6.58 -19.21 -19.70
CA VAL A 432 -6.47 -18.35 -20.88
C VAL A 432 -7.30 -18.92 -22.02
N ASP A 433 -8.46 -18.34 -22.26
CA ASP A 433 -9.41 -18.91 -23.21
C ASP A 433 -9.24 -18.25 -24.58
N LYS A 434 -8.64 -18.98 -25.51
CA LYS A 434 -8.30 -18.40 -26.82
C LYS A 434 -9.31 -18.79 -27.89
N ARG A 435 -10.42 -19.37 -27.47
CA ARG A 435 -11.45 -19.82 -28.41
C ARG A 435 -12.26 -18.64 -28.92
N LYS A 436 -12.38 -18.52 -30.24
CA LYS A 436 -12.90 -17.31 -30.87
C LYS A 436 -12.46 -16.04 -30.15
N LEU B 10 -10.19 22.13 8.94
CA LEU B 10 -10.03 23.61 8.96
C LEU B 10 -9.33 24.09 10.23
N PRO B 11 -9.73 23.55 11.41
CA PRO B 11 -9.32 24.12 12.69
C PRO B 11 -7.88 23.78 13.06
N LEU B 12 -7.12 24.77 13.52
CA LEU B 12 -5.74 24.58 13.96
C LEU B 12 -5.68 24.03 15.39
N GLU B 13 -4.55 23.39 15.72
CA GLU B 13 -4.28 23.00 17.10
C GLU B 13 -3.79 24.17 17.92
N PRO B 14 -4.17 24.23 19.21
CA PRO B 14 -3.68 25.26 20.12
C PRO B 14 -2.18 25.49 19.93
N ILE B 15 -1.41 24.41 19.86
CA ILE B 15 0.05 24.50 19.86
C ILE B 15 0.57 25.26 18.65
N GLU B 16 -0.22 25.31 17.58
CA GLU B 16 0.21 25.94 16.33
C GLU B 16 0.29 27.47 16.41
N THR B 17 -0.41 28.05 17.39
CA THR B 17 -0.41 29.51 17.55
C THR B 17 0.19 29.96 18.88
N ALA B 18 0.89 29.05 19.55
CA ALA B 18 1.43 29.31 20.88
C ALA B 18 2.60 30.28 20.84
N SER B 19 2.84 30.97 21.95
CA SER B 19 4.01 31.83 22.07
C SER B 19 5.30 31.03 21.96
N ARG B 20 6.34 31.66 21.41
CA ARG B 20 7.66 31.02 21.30
C ARG B 20 8.11 30.48 22.66
N ASP B 21 7.59 31.09 23.72
CA ASP B 21 7.95 30.68 25.08
C ASP B 21 7.16 29.47 25.57
N GLU B 22 5.88 29.41 25.19
CA GLU B 22 5.06 28.22 25.42
C GLU B 22 5.69 27.00 24.73
N LEU B 23 6.04 27.18 23.46
CA LEU B 23 6.69 26.15 22.67
C LEU B 23 8.01 25.73 23.31
N THR B 24 8.82 26.72 23.66
CA THR B 24 10.14 26.47 24.23
C THR B 24 10.06 25.63 25.50
N ALA B 25 9.14 25.98 26.41
CA ALA B 25 8.92 25.18 27.62
C ALA B 25 8.50 23.75 27.27
N LEU B 26 7.60 23.61 26.31
CA LEU B 26 7.14 22.29 25.84
C LEU B 26 8.31 21.47 25.31
N GLN B 27 9.13 22.09 24.48
CA GLN B 27 10.25 21.38 23.87
C GLN B 27 11.23 20.87 24.92
N LEU B 28 11.44 21.66 25.97
CA LEU B 28 12.41 21.31 27.01
C LEU B 28 11.91 20.13 27.82
N GLU B 29 10.66 20.19 28.27
CA GLU B 29 10.03 19.07 28.95
C GLU B 29 10.12 17.79 28.10
N ARG B 30 9.85 17.92 26.81
CA ARG B 30 9.78 16.76 25.94
C ARG B 30 11.17 16.24 25.58
N LEU B 31 12.13 17.15 25.46
CA LEU B 31 13.50 16.76 25.16
C LEU B 31 14.13 16.04 26.35
N LYS B 32 13.86 16.55 27.55
CA LYS B 32 14.24 15.87 28.77
C LYS B 32 13.68 14.44 28.77
N TRP B 33 12.39 14.30 28.50
CA TRP B 33 11.78 12.98 28.43
C TRP B 33 12.46 12.11 27.37
N SER B 34 12.66 12.68 26.19
CA SER B 34 13.16 11.90 25.06
C SER B 34 14.59 11.41 25.30
N LEU B 35 15.46 12.30 25.75
CA LEU B 35 16.85 11.92 26.05
C LEU B 35 16.93 10.84 27.13
N ARG B 36 16.08 10.95 28.14
CA ARG B 36 16.01 9.97 29.22
C ARG B 36 15.49 8.62 28.71
N HIS B 37 14.39 8.67 27.97
CA HIS B 37 13.83 7.46 27.35
C HIS B 37 14.88 6.70 26.53
N ALA B 38 15.60 7.42 25.66
CA ALA B 38 16.65 6.80 24.84
C ALA B 38 17.78 6.22 25.70
N TYR B 39 18.24 7.01 26.66
CA TYR B 39 19.33 6.56 27.53
C TYR B 39 18.92 5.31 28.33
N ASP B 40 17.67 5.27 28.78
CA ASP B 40 17.20 4.19 29.64
C ASP B 40 16.84 2.91 28.87
N HIS B 41 16.31 3.05 27.65
CA HIS B 41 15.58 1.96 27.00
C HIS B 41 16.19 1.50 25.68
N SER B 42 17.05 2.33 25.09
CA SER B 42 17.78 1.92 23.89
C SER B 42 19.26 1.67 24.20
N PRO B 43 19.70 0.40 24.06
CA PRO B 43 21.07 0.02 24.38
C PRO B 43 22.07 0.80 23.55
N VAL B 44 21.67 1.19 22.33
CA VAL B 44 22.54 1.95 21.45
C VAL B 44 22.79 3.35 21.98
N TYR B 45 21.75 3.98 22.50
CA TYR B 45 21.87 5.32 23.06
C TYR B 45 22.52 5.37 24.45
N ARG B 46 22.33 4.32 25.22
CA ARG B 46 23.05 4.16 26.48
C ARG B 46 24.56 4.19 26.22
N ARG B 47 24.99 3.36 25.27
CA ARG B 47 26.40 3.28 24.85
C ARG B 47 26.93 4.56 24.22
N LYS B 48 26.16 5.12 23.28
CA LYS B 48 26.60 6.30 22.54
C LYS B 48 26.81 7.47 23.50
N PHE B 49 25.88 7.62 24.44
CA PHE B 49 25.95 8.70 25.43
C PHE B 49 27.13 8.50 26.38
N ASP B 50 27.19 7.33 27.02
CA ASP B 50 28.33 6.98 27.87
C ASP B 50 29.64 7.20 27.12
N GLU B 51 29.68 6.75 25.87
CA GLU B 51 30.93 6.77 25.11
C GLU B 51 31.26 8.17 24.63
N ALA B 52 30.31 9.08 24.84
CA ALA B 52 30.51 10.50 24.53
C ALA B 52 30.61 11.28 25.83
N GLY B 53 30.25 10.64 26.93
CA GLY B 53 30.49 11.20 28.26
C GLY B 53 29.43 12.19 28.70
N VAL B 54 28.21 12.01 28.20
CA VAL B 54 27.08 12.85 28.62
C VAL B 54 25.98 12.01 29.25
N HIS B 55 25.24 12.63 30.17
CA HIS B 55 24.06 12.02 30.75
CA HIS B 55 24.06 12.02 30.75
C HIS B 55 22.84 12.85 30.40
N PRO B 56 21.67 12.21 30.24
CA PRO B 56 20.43 12.94 30.00
C PRO B 56 20.23 14.08 31.00
N ASP B 57 20.85 13.96 32.18
CA ASP B 57 20.70 14.96 33.22
C ASP B 57 21.50 16.22 32.91
N ASP B 58 22.45 16.10 31.99
CA ASP B 58 23.26 17.24 31.59
C ASP B 58 22.50 18.26 30.73
N LEU B 59 21.29 17.90 30.30
CA LEU B 59 20.41 18.87 29.66
C LEU B 59 19.57 19.65 30.67
N LYS B 60 19.94 20.90 30.87
CA LYS B 60 19.18 21.82 31.73
C LYS B 60 18.41 22.82 30.89
N THR B 61 18.98 23.20 29.75
CA THR B 61 18.27 24.01 28.76
C THR B 61 18.42 23.43 27.36
N LEU B 62 17.68 24.02 26.41
CA LEU B 62 17.69 23.55 25.02
C LEU B 62 19.07 23.70 24.37
N ALA B 63 19.81 24.73 24.77
CA ALA B 63 21.15 24.95 24.23
C ALA B 63 22.09 23.77 24.53
N ASP B 64 21.81 23.07 25.62
CA ASP B 64 22.65 21.96 26.06
C ASP B 64 22.68 20.79 25.07
N LEU B 65 21.81 20.82 24.07
CA LEU B 65 21.68 19.70 23.13
C LEU B 65 22.99 19.44 22.38
N SER B 66 23.79 20.50 22.24
CA SER B 66 25.06 20.41 21.52
C SER B 66 26.03 19.48 22.23
N ARG B 67 25.75 19.20 23.50
CA ARG B 67 26.59 18.31 24.30
C ARG B 67 26.46 16.86 23.85
N PHE B 68 25.34 16.53 23.21
CA PHE B 68 25.00 15.14 22.94
C PHE B 68 25.51 14.71 21.58
N PRO B 69 25.92 13.43 21.46
CA PRO B 69 26.49 12.92 20.22
C PRO B 69 25.46 12.87 19.10
N PHE B 70 25.94 12.90 17.85
CA PHE B 70 25.05 12.80 16.69
C PHE B 70 24.64 11.35 16.48
N THR B 71 23.51 11.17 15.82
CA THR B 71 23.17 9.89 15.21
C THR B 71 23.26 10.01 13.71
N THR B 72 23.67 8.93 13.05
CA THR B 72 23.73 8.89 11.60
C THR B 72 23.16 7.56 11.12
N LYS B 73 23.09 7.40 9.81
CA LYS B 73 22.53 6.17 9.22
C LYS B 73 23.30 4.93 9.65
N GLY B 74 24.61 5.08 9.85
CA GLY B 74 25.47 3.97 10.28
C GLY B 74 25.09 3.37 11.62
N ASP B 75 24.58 4.20 12.52
CA ASP B 75 24.07 3.70 13.80
C ASP B 75 22.95 2.69 13.58
N LEU B 76 22.00 3.03 12.72
CA LEU B 76 20.93 2.11 12.35
C LEU B 76 21.48 0.87 11.63
N ARG B 77 22.38 1.09 10.69
CA ARG B 77 22.89 -0.02 9.90
C ARG B 77 23.65 -1.02 10.76
N ASP B 78 24.34 -0.53 11.78
CA ASP B 78 25.12 -1.38 12.67
C ASP B 78 24.25 -2.15 13.66
N SER B 79 23.01 -1.70 13.83
CA SER B 79 22.09 -2.35 14.77
C SER B 79 20.93 -3.04 14.07
N TYR B 80 20.96 -3.05 12.73
CA TYR B 80 19.99 -3.80 11.93
C TYR B 80 19.75 -5.21 12.48
N PRO B 81 18.48 -5.64 12.54
CA PRO B 81 17.31 -4.91 12.08
C PRO B 81 16.63 -4.06 13.17
N PHE B 82 16.68 -4.52 14.41
CA PHE B 82 15.82 -3.99 15.47
C PHE B 82 16.61 -3.45 16.68
N GLY B 83 17.93 -3.39 16.56
CA GLY B 83 18.80 -3.21 17.72
C GLY B 83 18.67 -1.87 18.42
N MET B 84 18.10 -0.89 17.73
CA MET B 84 18.02 0.46 18.28
C MET B 84 16.67 0.78 18.93
N PHE B 85 15.71 -0.12 18.81
CA PHE B 85 14.37 0.12 19.36
C PHE B 85 14.41 0.28 20.88
N ALA B 86 13.60 1.19 21.41
CA ALA B 86 13.56 1.49 22.83
C ALA B 86 12.31 0.94 23.50
N VAL B 87 11.58 0.07 22.80
CA VAL B 87 10.50 -0.70 23.43
C VAL B 87 10.63 -2.15 22.99
N PRO B 88 10.03 -3.08 23.74
CA PRO B 88 10.13 -4.49 23.36
C PRO B 88 9.41 -4.73 22.04
N GLN B 89 9.80 -5.79 21.35
CA GLN B 89 9.29 -6.05 20.01
C GLN B 89 7.77 -6.14 19.96
N ASP B 90 7.15 -6.55 21.07
CA ASP B 90 5.69 -6.68 21.11
C ASP B 90 4.94 -5.35 21.15
N ARG B 91 5.64 -4.27 21.46
CA ARG B 91 5.03 -2.95 21.34
C ARG B 91 5.35 -2.28 20.00
N ILE B 92 6.10 -2.94 19.14
CA ILE B 92 6.30 -2.42 17.78
C ILE B 92 5.04 -2.73 16.95
N SER B 93 4.27 -1.69 16.63
CA SER B 93 3.07 -1.83 15.83
C SER B 93 3.39 -1.89 14.33
N ARG B 94 4.46 -1.18 13.94
CA ARG B 94 4.74 -0.92 12.52
C ARG B 94 6.24 -0.90 12.25
N ILE B 95 6.68 -1.68 11.26
CA ILE B 95 8.02 -1.56 10.69
C ILE B 95 7.92 -0.85 9.34
N HIS B 96 8.82 0.11 9.13
CA HIS B 96 9.11 0.59 7.78
C HIS B 96 10.59 0.43 7.45
N ALA B 97 10.92 0.54 6.17
CA ALA B 97 12.31 0.35 5.73
C ALA B 97 12.63 1.14 4.46
N SER B 98 13.76 1.85 4.52
CA SER B 98 14.28 2.61 3.39
C SER B 98 15.18 1.70 2.56
N SER B 99 14.70 1.32 1.38
CA SER B 99 15.36 0.28 0.58
C SER B 99 16.85 0.53 0.43
N GLY B 100 17.20 1.80 0.19
CA GLY B 100 18.50 2.33 0.62
C GLY B 100 18.35 3.61 1.42
N LYS B 104 21.58 -4.16 3.01
CA LYS B 104 20.49 -4.20 3.97
C LYS B 104 19.79 -2.83 4.02
N PRO B 105 18.45 -2.84 3.95
CA PRO B 105 17.71 -1.59 4.10
C PRO B 105 17.91 -1.01 5.50
N THR B 106 17.72 0.29 5.65
CA THR B 106 17.60 0.85 7.00
C THR B 106 16.17 0.81 7.57
N VAL B 107 16.06 0.18 8.74
CA VAL B 107 14.77 -0.24 9.28
C VAL B 107 14.37 0.69 10.42
N VAL B 108 13.09 1.07 10.42
CA VAL B 108 12.53 1.91 11.47
C VAL B 108 11.22 1.30 11.99
N GLY B 109 10.80 1.74 13.16
CA GLY B 109 9.66 1.13 13.86
C GLY B 109 8.88 2.17 14.65
N TYR B 110 7.66 1.80 15.03
CA TYR B 110 6.68 2.75 15.57
C TYR B 110 5.81 1.94 16.53
N THR B 111 5.56 2.49 17.72
CA THR B 111 4.46 2.02 18.54
C THR B 111 3.15 2.52 17.94
N ALA B 112 2.05 2.13 18.57
CA ALA B 112 0.73 2.55 18.11
C ALA B 112 0.56 4.04 18.36
N ALA B 113 1.09 4.52 19.49
CA ALA B 113 1.10 5.97 19.72
C ALA B 113 1.96 6.70 18.68
N ASP B 114 3.09 6.10 18.28
CA ASP B 114 3.93 6.77 17.27
C ASP B 114 3.14 6.88 15.96
N ILE B 115 2.42 5.83 15.60
CA ILE B 115 1.58 5.85 14.40
C ILE B 115 0.48 6.91 14.52
N ASP B 116 -0.11 7.01 15.70
CA ASP B 116 -1.09 8.07 15.98
CA ASP B 116 -1.08 8.07 15.98
C ASP B 116 -0.49 9.47 15.80
N THR B 117 0.70 9.67 16.35
CA THR B 117 1.33 10.98 16.29
C THR B 117 1.67 11.35 14.85
N TRP B 118 2.20 10.37 14.11
CA TRP B 118 2.51 10.51 12.69
C TRP B 118 1.25 10.85 11.89
N ALA B 119 0.14 10.20 12.21
CA ALA B 119 -1.12 10.52 11.55
C ALA B 119 -1.54 11.96 11.83
N ASN B 120 -1.42 12.37 13.08
CA ASN B 120 -1.77 13.72 13.50
C ASN B 120 -0.93 14.79 12.78
N LEU B 121 0.36 14.51 12.64
CA LEU B 121 1.29 15.44 12.00
C LEU B 121 1.07 15.55 10.50
N VAL B 122 0.81 14.43 9.82
CA VAL B 122 0.46 14.50 8.42
C VAL B 122 -0.91 15.15 8.18
N ALA B 123 -1.84 14.93 9.10
CA ALA B 123 -3.14 15.59 9.04
C ALA B 123 -2.96 17.10 9.20
N ARG B 124 -2.11 17.50 10.14
CA ARG B 124 -1.73 18.91 10.31
C ARG B 124 -1.14 19.49 9.03
N SER B 125 -0.27 18.72 8.38
CA SER B 125 0.41 19.16 7.16
C SER B 125 -0.59 19.34 6.02
N ILE B 126 -1.59 18.46 5.98
CA ILE B 126 -2.65 18.55 4.98
C ILE B 126 -3.57 19.75 5.22
N ARG B 127 -3.90 20.04 6.49
CA ARG B 127 -4.63 21.26 6.83
C ARG B 127 -3.82 22.47 6.39
N ALA B 128 -2.54 22.47 6.75
CA ALA B 128 -1.64 23.59 6.43
C ALA B 128 -1.62 23.86 4.94
N ALA B 129 -1.80 22.81 4.15
CA ALA B 129 -1.83 22.92 2.70
C ALA B 129 -3.15 23.48 2.16
N GLY B 130 -4.15 23.61 3.04
CA GLY B 130 -5.40 24.32 2.69
C GLY B 130 -6.59 23.38 2.52
N ALA B 131 -6.48 22.15 3.02
CA ALA B 131 -7.56 21.19 2.87
C ALA B 131 -8.84 21.73 3.50
N ARG B 132 -9.97 21.23 3.01
CA ARG B 132 -11.30 21.66 3.48
C ARG B 132 -12.13 20.44 3.82
N ARG B 133 -13.08 20.60 4.74
CA ARG B 133 -14.14 19.62 4.92
C ARG B 133 -14.68 19.17 3.58
N GLY B 134 -14.66 17.86 3.33
CA GLY B 134 -15.23 17.32 2.11
C GLY B 134 -14.22 16.93 1.04
N ASP B 135 -12.96 17.30 1.24
CA ASP B 135 -11.94 17.08 0.22
C ASP B 135 -11.69 15.58 0.07
N LYS B 136 -11.47 15.16 -1.17
CA LYS B 136 -10.86 13.87 -1.46
C LYS B 136 -9.35 14.02 -1.66
N VAL B 137 -8.61 13.02 -1.22
CA VAL B 137 -7.16 13.00 -1.36
C VAL B 137 -6.75 11.79 -2.19
N HIS B 138 -6.20 12.06 -3.37
CA HIS B 138 -5.63 11.02 -4.22
C HIS B 138 -4.20 10.75 -3.77
N VAL B 139 -3.93 9.58 -3.19
CA VAL B 139 -2.58 9.23 -2.74
C VAL B 139 -1.82 8.43 -3.78
N SER B 140 -0.73 9.00 -4.30
CA SER B 140 0.11 8.33 -5.30
C SER B 140 1.51 7.96 -4.81
N TYR B 141 1.89 8.42 -3.62
CA TYR B 141 3.14 7.98 -3.00
C TYR B 141 3.10 6.47 -2.83
N GLY B 142 4.26 5.83 -2.90
CA GLY B 142 4.33 4.37 -2.86
C GLY B 142 3.80 3.78 -1.56
N TYR B 143 2.95 2.77 -1.69
CA TYR B 143 2.47 1.98 -0.55
C TYR B 143 3.31 0.73 -0.36
N GLY B 144 3.87 0.61 0.83
CA GLY B 144 4.72 -0.52 1.16
C GLY B 144 5.61 -0.20 2.34
N LEU B 145 6.85 -0.66 2.27
CA LEU B 145 7.81 -0.38 3.34
C LEU B 145 8.27 1.07 3.32
N PHE B 146 8.14 1.73 2.17
CA PHE B 146 8.38 3.17 2.06
C PHE B 146 7.42 3.89 3.01
N THR B 147 7.87 5.01 3.60
CA THR B 147 7.00 5.76 4.51
C THR B 147 5.94 6.62 3.82
N GLY B 148 6.15 6.95 2.56
CA GLY B 148 5.32 7.95 1.88
C GLY B 148 3.84 7.59 1.78
N GLY B 149 3.55 6.45 1.15
CA GLY B 149 2.16 6.07 0.89
C GLY B 149 1.37 5.95 2.18
N LEU B 150 1.86 5.14 3.11
CA LEU B 150 1.07 4.82 4.28
C LEU B 150 1.03 6.01 5.25
N GLY B 151 2.06 6.85 5.19
CA GLY B 151 2.06 8.10 5.94
C GLY B 151 0.98 9.07 5.49
N ALA B 152 0.97 9.35 4.19
CA ALA B 152 -0.02 10.24 3.60
C ALA B 152 -1.42 9.65 3.79
N HIS B 153 -1.51 8.33 3.62
CA HIS B 153 -2.78 7.61 3.81
C HIS B 153 -3.39 7.91 5.17
N TYR B 154 -2.65 7.58 6.23
CA TYR B 154 -3.18 7.67 7.58
C TYR B 154 -3.44 9.14 7.95
N GLY B 155 -2.60 10.03 7.41
CA GLY B 155 -2.77 11.47 7.66
C GLY B 155 -4.04 12.04 7.04
N ALA B 156 -4.30 11.68 5.79
CA ALA B 156 -5.54 12.09 5.11
C ALA B 156 -6.78 11.50 5.78
N GLU B 157 -6.69 10.24 6.20
CA GLU B 157 -7.77 9.59 6.93
C GLU B 157 -8.04 10.27 8.27
N ARG B 158 -6.97 10.59 8.98
CA ARG B 158 -7.06 11.20 10.29
C ARG B 158 -7.65 12.62 10.19
N ALA B 159 -7.39 13.29 9.09
CA ALA B 159 -7.87 14.64 8.85
C ALA B 159 -9.37 14.66 8.54
N GLY B 160 -9.94 13.48 8.35
CA GLY B 160 -11.38 13.34 8.16
C GLY B 160 -11.76 13.37 6.70
N LEU B 161 -10.79 13.14 5.83
CA LEU B 161 -11.00 13.33 4.40
C LEU B 161 -11.27 12.01 3.69
N THR B 162 -11.72 12.10 2.45
CA THR B 162 -11.94 10.92 1.61
C THR B 162 -10.67 10.46 0.94
N VAL B 163 -10.19 9.28 1.35
CA VAL B 163 -8.91 8.78 0.88
C VAL B 163 -9.06 7.80 -0.28
N ILE B 164 -8.34 8.08 -1.37
CA ILE B 164 -8.27 7.18 -2.51
C ILE B 164 -6.83 6.66 -2.61
N PRO B 165 -6.60 5.41 -2.16
CA PRO B 165 -5.24 4.93 -1.90
C PRO B 165 -4.64 4.28 -3.14
N PHE B 166 -4.30 5.08 -4.14
CA PHE B 166 -3.83 4.49 -5.40
C PHE B 166 -2.40 3.97 -5.33
N GLY B 167 -1.50 4.77 -4.79
CA GLY B 167 -0.07 4.42 -4.80
C GLY B 167 0.51 4.68 -6.18
N GLY B 168 1.67 4.08 -6.46
CA GLY B 168 2.44 4.44 -7.66
C GLY B 168 2.08 3.61 -8.88
N GLY B 169 2.42 4.12 -10.06
CA GLY B 169 2.28 3.34 -11.29
C GLY B 169 0.87 3.37 -11.88
N GLN B 170 0.69 2.64 -12.97
CA GLN B 170 -0.57 2.64 -13.71
C GLN B 170 -1.10 4.04 -14.01
N THR B 171 -0.28 4.84 -14.67
CA THR B 171 -0.51 6.27 -14.78
C THR B 171 -1.79 6.63 -15.52
N GLU B 172 -2.11 5.85 -16.55
CA GLU B 172 -3.35 6.05 -17.29
C GLU B 172 -4.57 5.84 -16.38
N LYS B 173 -4.53 4.81 -15.55
CA LYS B 173 -5.62 4.54 -14.62
C LYS B 173 -5.77 5.63 -13.55
N GLN B 174 -4.64 6.11 -13.04
CA GLN B 174 -4.65 7.23 -12.11
C GLN B 174 -5.33 8.43 -12.76
N VAL B 175 -5.03 8.69 -14.02
CA VAL B 175 -5.64 9.84 -14.69
C VAL B 175 -7.13 9.60 -14.92
N GLN B 176 -7.47 8.37 -15.25
CA GLN B 176 -8.88 7.95 -15.36
C GLN B 176 -9.66 8.31 -14.10
N LEU B 177 -9.07 8.06 -12.93
CA LEU B 177 -9.80 8.15 -11.68
C LEU B 177 -9.79 9.58 -11.14
N ILE B 178 -8.79 10.37 -11.53
CA ILE B 178 -8.78 11.79 -11.21
C ILE B 178 -9.94 12.52 -11.92
N GLN B 179 -10.18 12.12 -13.16
CA GLN B 179 -11.36 12.57 -13.90
C GLN B 179 -12.66 12.14 -13.21
N ASP B 180 -12.74 10.85 -12.87
CA ASP B 180 -14.01 10.22 -12.49
C ASP B 180 -14.36 10.49 -11.02
N PHE B 181 -13.38 10.40 -10.13
CA PHE B 181 -13.60 10.63 -8.70
C PHE B 181 -13.55 12.10 -8.33
N ARG B 182 -12.82 12.87 -9.14
CA ARG B 182 -12.60 14.29 -8.84
C ARG B 182 -12.01 14.52 -7.46
N PRO B 183 -10.76 14.07 -7.26
CA PRO B 183 -10.03 14.43 -6.04
C PRO B 183 -9.68 15.91 -5.98
N ASP B 184 -9.66 16.47 -4.78
CA ASP B 184 -9.29 17.86 -4.57
C ASP B 184 -7.80 18.03 -4.28
N ILE B 185 -7.20 16.99 -3.71
CA ILE B 185 -5.81 17.03 -3.29
C ILE B 185 -5.09 15.82 -3.83
N ILE B 186 -3.88 16.01 -4.35
CA ILE B 186 -3.05 14.87 -4.69
C ILE B 186 -1.76 14.87 -3.87
N MET B 187 -1.36 13.69 -3.41
CA MET B 187 -0.15 13.57 -2.60
C MET B 187 0.80 12.63 -3.31
N VAL B 188 1.87 13.20 -3.86
CA VAL B 188 2.65 12.52 -4.89
C VAL B 188 4.01 13.21 -5.04
N THR B 189 5.01 12.52 -5.56
CA THR B 189 6.30 13.17 -5.79
C THR B 189 6.16 14.19 -6.91
N PRO B 190 6.94 15.29 -6.84
CA PRO B 190 6.98 16.27 -7.93
C PRO B 190 7.26 15.61 -9.26
N SER B 191 8.22 14.68 -9.30
CA SER B 191 8.61 14.06 -10.56
C SER B 191 7.54 13.17 -11.17
N TYR B 192 6.82 12.43 -10.34
CA TYR B 192 5.66 11.71 -10.83
C TYR B 192 4.49 12.63 -11.20
N MET B 193 4.31 13.73 -10.48
CA MET B 193 3.26 14.67 -10.83
C MET B 193 3.35 15.09 -12.29
N LEU B 194 4.58 15.28 -12.77
CA LEU B 194 4.81 15.77 -14.12
C LEU B 194 4.39 14.75 -15.15
N SER B 195 4.63 13.47 -14.84
CA SER B 195 4.16 12.36 -15.67
C SER B 195 2.62 12.25 -15.69
N ILE B 196 2.01 12.51 -14.54
CA ILE B 196 0.56 12.48 -14.43
C ILE B 196 -0.05 13.60 -15.27
N ALA B 197 0.53 14.79 -15.17
CA ALA B 197 0.18 15.92 -16.03
C ALA B 197 0.29 15.58 -17.52
N ASP B 198 1.42 14.99 -17.91
CA ASP B 198 1.60 14.53 -19.29
C ASP B 198 0.39 13.73 -19.75
N GLU B 199 0.00 12.75 -18.95
CA GLU B 199 -0.91 11.71 -19.41
C GLU B 199 -2.30 12.30 -19.58
N ILE B 200 -2.67 13.19 -18.66
CA ILE B 200 -3.85 14.03 -18.82
C ILE B 200 -3.88 14.67 -20.21
N GLU B 201 -2.85 15.45 -20.54
CA GLU B 201 -2.75 16.08 -21.85
C GLU B 201 -2.86 15.07 -22.99
N ARG B 202 -2.06 14.01 -22.92
CA ARG B 202 -2.13 12.94 -23.90
C ARG B 202 -3.58 12.49 -24.12
N GLN B 203 -4.33 12.35 -23.03
CA GLN B 203 -5.73 11.97 -23.12
C GLN B 203 -6.62 13.15 -23.52
N GLY B 204 -6.00 14.16 -24.12
CA GLY B 204 -6.73 15.25 -24.76
C GLY B 204 -7.54 16.09 -23.80
N LEU B 205 -7.01 16.29 -22.59
CA LEU B 205 -7.71 17.04 -21.56
C LEU B 205 -6.88 18.23 -21.09
N ASP B 206 -7.55 19.26 -20.56
CA ASP B 206 -6.86 20.41 -20.01
C ASP B 206 -6.64 20.26 -18.50
N PRO B 207 -5.39 19.93 -18.11
CA PRO B 207 -5.04 19.67 -16.72
C PRO B 207 -5.52 20.78 -15.80
N VAL B 208 -5.46 22.02 -16.27
CA VAL B 208 -6.00 23.16 -15.54
C VAL B 208 -7.46 22.94 -15.13
N GLN B 209 -8.17 22.13 -15.91
CA GLN B 209 -9.62 22.00 -15.75
C GLN B 209 -9.97 20.83 -14.83
N SER B 210 -8.96 20.01 -14.50
CA SER B 210 -9.13 18.94 -13.53
C SER B 210 -9.70 19.47 -12.22
N SER B 211 -10.18 18.55 -11.38
CA SER B 211 -10.74 18.92 -10.08
C SER B 211 -9.67 19.32 -9.06
N LEU B 212 -8.43 18.92 -9.30
CA LEU B 212 -7.38 19.11 -8.29
C LEU B 212 -7.21 20.57 -7.90
N ARG B 213 -7.18 20.84 -6.60
CA ARG B 213 -7.00 22.20 -6.10
C ARG B 213 -5.61 22.33 -5.49
N ILE B 214 -5.06 21.21 -5.03
CA ILE B 214 -3.86 21.20 -4.18
C ILE B 214 -2.98 20.00 -4.49
N GLY B 215 -1.68 20.25 -4.64
CA GLY B 215 -0.67 19.20 -4.64
C GLY B 215 0.25 19.32 -3.44
N ILE B 216 0.48 18.20 -2.77
CA ILE B 216 1.42 18.15 -1.65
C ILE B 216 2.60 17.26 -2.02
N PHE B 217 3.70 17.89 -2.43
CA PHE B 217 4.79 17.21 -3.14
C PHE B 217 6.04 17.17 -2.28
N GLY B 218 6.78 16.06 -2.37
CA GLY B 218 7.88 15.81 -1.45
C GLY B 218 8.57 14.49 -1.76
N ALA B 219 9.45 14.06 -0.86
CA ALA B 219 10.21 12.81 -1.02
C ALA B 219 11.48 12.94 -1.85
N GLU B 220 11.66 14.10 -2.49
CA GLU B 220 12.81 14.33 -3.36
C GLU B 220 13.00 15.83 -3.56
N PRO B 221 14.20 16.23 -4.00
CA PRO B 221 14.41 17.68 -4.14
C PRO B 221 13.67 18.22 -5.35
N TRP B 222 13.02 19.37 -5.21
CA TRP B 222 12.36 20.04 -6.31
C TRP B 222 12.43 21.55 -6.14
N THR B 223 12.87 22.24 -7.18
CA THR B 223 13.15 23.67 -7.10
C THR B 223 11.85 24.46 -7.07
N ASN B 224 11.96 25.72 -6.65
CA ASN B 224 10.81 26.62 -6.62
C ASN B 224 10.32 26.97 -8.02
N ASP B 225 11.23 26.99 -8.98
CA ASP B 225 10.87 27.09 -10.39
C ASP B 225 10.03 25.88 -10.81
N MET B 226 10.43 24.69 -10.37
CA MET B 226 9.66 23.47 -10.62
C MET B 226 8.25 23.56 -10.04
N ARG B 227 8.13 24.24 -8.91
CA ARG B 227 6.84 24.45 -8.25
C ARG B 227 5.92 25.32 -9.11
N VAL B 228 6.43 26.48 -9.51
CA VAL B 228 5.68 27.41 -10.35
C VAL B 228 5.27 26.80 -11.68
N ALA B 229 6.14 25.97 -12.26
CA ALA B 229 5.79 25.26 -13.48
C ALA B 229 4.60 24.34 -13.26
N ILE B 230 4.67 23.52 -12.22
CA ILE B 230 3.60 22.58 -11.89
C ILE B 230 2.29 23.32 -11.57
N GLU B 231 2.40 24.40 -10.81
CA GLU B 231 1.23 25.21 -10.45
C GLU B 231 0.56 25.80 -11.68
N GLN B 232 1.37 26.11 -12.69
CA GLN B 232 0.88 26.72 -13.92
C GLN B 232 0.21 25.66 -14.76
N ARG B 233 0.90 24.54 -14.93
CA ARG B 233 0.43 23.47 -15.78
C ARG B 233 -0.83 22.79 -15.24
N MET B 234 -0.99 22.80 -13.92
CA MET B 234 -2.04 21.99 -13.27
C MET B 234 -3.20 22.85 -12.77
N GLY B 235 -2.91 24.13 -12.52
CA GLY B 235 -3.91 25.02 -11.94
C GLY B 235 -4.18 24.69 -10.48
N ILE B 236 -3.10 24.45 -9.72
CA ILE B 236 -3.21 24.07 -8.31
C ILE B 236 -2.31 24.95 -7.47
N ASP B 237 -2.56 24.99 -6.17
CA ASP B 237 -1.51 25.31 -5.20
C ASP B 237 -0.62 24.08 -4.95
N ALA B 238 0.69 24.29 -5.02
CA ALA B 238 1.64 23.19 -4.86
C ALA B 238 2.49 23.49 -3.63
N VAL B 239 2.38 22.63 -2.61
CA VAL B 239 3.07 22.87 -1.35
C VAL B 239 4.09 21.77 -1.07
N ASP B 240 5.09 22.12 -0.26
CA ASP B 240 6.28 21.30 -0.06
C ASP B 240 6.15 20.56 1.27
N ILE B 241 6.11 19.23 1.22
CA ILE B 241 6.11 18.43 2.44
C ILE B 241 7.40 17.62 2.58
N TYR B 242 7.97 17.64 3.77
CA TYR B 242 9.30 17.10 3.98
C TYR B 242 9.29 16.04 5.07
N GLY B 243 10.22 15.09 4.95
CA GLY B 243 10.70 14.38 6.11
C GLY B 243 11.50 13.21 5.62
N LEU B 244 11.97 12.38 6.54
CA LEU B 244 12.74 11.20 6.19
C LEU B 244 12.40 10.08 7.15
N SER B 245 12.53 8.84 6.69
CA SER B 245 11.98 7.70 7.39
C SER B 245 12.62 7.53 8.78
N GLU B 246 13.92 7.80 8.88
CA GLU B 246 14.64 7.67 10.15
C GLU B 246 14.01 8.56 11.21
N VAL B 247 13.54 9.73 10.79
CA VAL B 247 12.98 10.71 11.72
C VAL B 247 11.48 10.46 11.98
N MET B 248 10.74 10.17 10.92
CA MET B 248 9.36 9.68 11.07
CA MET B 248 9.36 9.68 11.07
C MET B 248 8.80 9.24 9.73
N GLY B 249 8.98 10.07 8.71
CA GLY B 249 8.31 9.89 7.43
C GLY B 249 7.95 11.24 6.86
N PRO B 250 7.03 11.27 5.89
CA PRO B 250 6.42 12.55 5.54
C PRO B 250 5.81 13.21 6.77
N GLY B 251 5.88 14.54 6.83
CA GLY B 251 5.20 15.27 7.88
C GLY B 251 6.07 15.69 9.03
N VAL B 252 7.39 15.60 8.83
CA VAL B 252 8.33 16.22 9.78
C VAL B 252 8.22 17.73 9.68
N ALA B 253 8.08 18.21 8.44
CA ALA B 253 7.82 19.62 8.18
C ALA B 253 6.97 19.73 6.91
N SER B 254 6.15 20.77 6.83
CA SER B 254 5.31 20.98 5.66
C SER B 254 4.98 22.45 5.46
N GLU B 255 4.83 22.84 4.21
CA GLU B 255 4.64 24.24 3.84
C GLU B 255 3.21 24.69 4.14
N CYS B 256 3.09 25.89 4.71
CA CYS B 256 1.81 26.55 4.80
C CYS B 256 1.46 27.19 3.46
N VAL B 257 0.24 26.92 2.97
CA VAL B 257 -0.15 27.34 1.62
C VAL B 257 -0.35 28.85 1.53
N GLU B 258 -0.68 29.46 2.66
CA GLU B 258 -0.94 30.91 2.71
C GLU B 258 0.33 31.74 2.55
N THR B 259 1.49 31.13 2.79
CA THR B 259 2.77 31.83 2.68
C THR B 259 3.77 31.18 1.70
N LYS B 260 3.61 29.88 1.48
CA LYS B 260 4.52 29.12 0.62
C LYS B 260 5.97 29.53 0.76
N ASP B 261 6.43 29.63 2.01
CA ASP B 261 7.76 30.16 2.29
C ASP B 261 8.69 29.11 2.88
N GLY B 262 8.64 27.88 2.33
CA GLY B 262 9.40 26.76 2.87
C GLY B 262 8.63 25.99 3.94
N PRO B 263 8.97 24.71 4.13
CA PRO B 263 8.21 23.91 5.08
C PRO B 263 8.35 24.45 6.50
N THR B 264 7.24 24.59 7.20
CA THR B 264 7.28 24.84 8.64
C THR B 264 7.57 23.54 9.37
N ILE B 265 8.53 23.59 10.28
CA ILE B 265 8.95 22.42 11.04
C ILE B 265 8.01 22.22 12.23
N TRP B 266 7.45 21.02 12.37
CA TRP B 266 6.64 20.73 13.53
C TRP B 266 7.50 20.49 14.76
N GLU B 267 8.06 21.57 15.29
CA GLU B 267 9.11 21.44 16.30
C GLU B 267 8.57 21.29 17.71
N ASP B 268 7.26 21.11 17.82
CA ASP B 268 6.70 20.48 19.01
C ASP B 268 6.93 18.97 19.07
N HIS B 269 7.36 18.40 17.94
CA HIS B 269 7.65 16.96 17.86
C HIS B 269 9.06 16.68 17.37
N PHE B 270 9.59 17.60 16.56
CA PHE B 270 10.93 17.43 15.99
C PHE B 270 11.79 18.67 16.19
N TYR B 271 12.76 18.60 17.09
CA TYR B 271 13.66 19.70 17.35
C TYR B 271 14.81 19.79 16.35
N PRO B 272 14.83 20.88 15.56
CA PRO B 272 15.80 21.05 14.49
C PRO B 272 17.07 21.75 14.96
N GLU B 273 18.20 21.41 14.35
CA GLU B 273 19.41 22.20 14.46
C GLU B 273 20.08 22.35 13.11
N ILE B 274 20.89 23.40 12.97
CA ILE B 274 21.77 23.54 11.82
C ILE B 274 23.22 23.52 12.29
N ILE B 275 24.02 22.64 11.69
CA ILE B 275 25.42 22.51 12.07
C ILE B 275 26.34 22.73 10.90
N ASP B 276 27.55 23.20 11.20
CA ASP B 276 28.67 23.03 10.28
C ASP B 276 28.95 21.55 10.10
N PRO B 277 28.79 21.04 8.87
CA PRO B 277 28.84 19.60 8.64
C PRO B 277 30.26 19.05 8.72
N GLU B 278 31.25 19.93 8.69
CA GLU B 278 32.65 19.52 8.79
C GLU B 278 33.12 19.43 10.24
N THR B 279 32.66 20.35 11.07
CA THR B 279 33.11 20.44 12.45
C THR B 279 32.10 19.82 13.42
N GLY B 280 30.82 20.07 13.15
CA GLY B 280 29.75 19.63 14.05
C GLY B 280 29.22 20.74 14.95
N GLU B 281 29.75 21.95 14.76
CA GLU B 281 29.31 23.10 15.55
C GLU B 281 27.91 23.56 15.15
N VAL B 282 27.15 24.00 16.14
CA VAL B 282 25.81 24.54 15.94
C VAL B 282 25.87 25.99 15.45
N LEU B 283 25.09 26.30 14.42
CA LEU B 283 25.06 27.63 13.84
C LEU B 283 23.76 28.35 14.20
N PRO B 284 23.83 29.67 14.43
CA PRO B 284 22.62 30.46 14.69
C PRO B 284 21.68 30.46 13.50
N ASP B 285 20.40 30.73 13.74
CA ASP B 285 19.40 30.68 12.69
C ASP B 285 19.70 31.71 11.59
N GLY B 286 19.62 31.27 10.35
CA GLY B 286 19.96 32.13 9.23
C GLY B 286 21.06 31.51 8.41
N GLU B 287 21.87 30.68 9.06
CA GLU B 287 23.11 30.22 8.47
C GLU B 287 22.96 28.86 7.77
N LEU B 288 23.59 28.74 6.61
CA LEU B 288 23.57 27.49 5.87
C LEU B 288 24.43 26.45 6.56
N GLY B 289 24.00 25.19 6.47
CA GLY B 289 24.58 24.12 7.27
C GLY B 289 23.71 22.88 7.19
N GLU B 290 24.08 21.84 7.93
CA GLU B 290 23.40 20.56 7.83
C GLU B 290 22.22 20.46 8.79
N LEU B 291 21.08 20.01 8.28
CA LEU B 291 19.88 19.89 9.10
C LEU B 291 19.95 18.67 10.02
N VAL B 292 19.63 18.88 11.29
CA VAL B 292 19.73 17.85 12.32
C VAL B 292 18.41 17.83 13.09
N PHE B 293 17.89 16.63 13.36
CA PHE B 293 16.63 16.47 14.09
C PHE B 293 16.77 15.64 15.36
N THR B 294 16.10 16.08 16.42
CA THR B 294 15.87 15.23 17.59
C THR B 294 14.37 15.07 17.83
N SER B 295 13.92 13.82 17.92
CA SER B 295 12.50 13.53 18.16
C SER B 295 12.14 13.82 19.61
N LEU B 296 10.94 14.32 19.84
CA LEU B 296 10.52 14.80 21.15
C LEU B 296 9.41 13.94 21.74
N THR B 297 8.75 13.14 20.91
CA THR B 297 7.58 12.36 21.34
C THR B 297 7.62 10.89 20.86
N LYS B 298 8.68 10.53 20.16
CA LYS B 298 8.82 9.19 19.57
C LYS B 298 9.16 8.13 20.61
N GLU B 299 8.44 7.00 20.55
CA GLU B 299 8.61 5.94 21.53
C GLU B 299 9.49 4.79 21.05
N ALA B 300 9.10 4.13 19.97
CA ALA B 300 9.82 2.93 19.53
C ALA B 300 11.26 3.22 19.13
N LEU B 301 11.43 4.27 18.32
CA LEU B 301 12.76 4.64 17.83
C LEU B 301 13.00 6.14 18.04
N PRO B 302 13.24 6.54 19.29
CA PRO B 302 13.71 7.90 19.48
C PRO B 302 15.00 8.12 18.68
N ILE B 303 15.12 9.26 18.02
CA ILE B 303 16.39 9.58 17.36
C ILE B 303 16.94 10.87 17.90
N ILE B 304 18.25 10.86 18.18
CA ILE B 304 18.87 11.96 18.90
C ILE B 304 19.91 12.62 18.00
N ARG B 305 19.69 13.89 17.69
CA ARG B 305 20.58 14.65 16.82
C ARG B 305 20.93 13.85 15.57
N TYR B 306 19.90 13.48 14.83
CA TYR B 306 20.10 12.73 13.60
C TYR B 306 20.57 13.65 12.48
N ARG B 307 21.68 13.29 11.85
CA ARG B 307 22.22 14.09 10.76
C ARG B 307 21.54 13.73 9.44
N THR B 308 20.74 14.65 8.90
CA THR B 308 19.95 14.35 7.72
C THR B 308 20.79 14.25 6.44
N ARG B 309 21.92 14.94 6.42
CA ARG B 309 22.70 15.11 5.19
C ARG B 309 22.02 16.09 4.24
N ASP B 310 20.98 16.77 4.72
CA ASP B 310 20.32 17.84 3.97
C ASP B 310 20.85 19.21 4.35
N LEU B 311 21.10 20.04 3.35
CA LEU B 311 21.66 21.37 3.58
C LEU B 311 20.57 22.44 3.48
N THR B 312 20.49 23.31 4.48
CA THR B 312 19.44 24.33 4.54
C THR B 312 19.67 25.27 5.73
N ARG B 313 18.79 26.26 5.89
CA ARG B 313 18.88 27.15 7.03
C ARG B 313 17.53 27.28 7.74
N LEU B 314 17.58 27.56 9.03
CA LEU B 314 16.38 27.84 9.79
C LEU B 314 15.97 29.29 9.67
N LEU B 315 14.66 29.54 9.67
CA LEU B 315 14.12 30.87 9.43
C LEU B 315 12.93 31.11 10.35
N PRO B 316 12.70 32.36 10.75
CA PRO B 316 11.68 32.69 11.73
C PRO B 316 10.28 32.33 11.24
N GLY B 317 9.38 32.03 12.16
CA GLY B 317 8.03 31.60 11.82
C GLY B 317 7.17 32.73 11.29
N THR B 318 6.36 32.42 10.28
CA THR B 318 5.46 33.38 9.66
C THR B 318 4.01 32.96 9.86
N ALA B 319 3.57 31.98 9.08
CA ALA B 319 2.22 31.46 9.19
C ALA B 319 2.02 30.69 10.50
N ARG B 320 3.13 30.28 11.13
CA ARG B 320 3.08 29.73 12.48
C ARG B 320 4.15 30.38 13.38
N THR B 321 4.13 30.04 14.66
CA THR B 321 5.20 30.46 15.57
C THR B 321 6.46 29.62 15.35
N MET B 322 6.26 28.37 14.94
CA MET B 322 7.36 27.47 14.63
C MET B 322 8.16 27.94 13.42
N ARG B 323 9.44 27.59 13.39
CA ARG B 323 10.33 28.08 12.34
C ARG B 323 10.18 27.29 11.05
N ARG B 324 10.70 27.83 9.97
CA ARG B 324 10.72 27.12 8.69
C ARG B 324 12.12 26.65 8.35
N MET B 325 12.20 25.62 7.52
CA MET B 325 13.42 25.32 6.78
C MET B 325 13.31 25.94 5.40
N GLU B 326 14.36 26.63 4.97
CA GLU B 326 14.52 26.97 3.57
C GLU B 326 14.39 25.69 2.74
N LYS B 327 13.75 25.78 1.58
CA LYS B 327 13.61 24.61 0.74
C LYS B 327 14.95 23.87 0.64
N ILE B 328 14.90 22.54 0.54
CA ILE B 328 16.10 21.76 0.30
C ILE B 328 16.29 21.52 -1.19
N THR B 329 17.41 22.01 -1.73
CA THR B 329 17.80 21.67 -3.08
C THR B 329 19.09 20.83 -3.08
N GLY B 330 19.95 21.09 -2.10
CA GLY B 330 21.18 20.33 -1.93
C GLY B 330 21.14 19.37 -0.75
N ARG B 331 21.22 18.07 -1.05
CA ARG B 331 21.66 17.09 -0.07
C ARG B 331 23.01 16.49 -0.46
N SER B 332 23.81 16.15 0.55
CA SER B 332 25.20 15.78 0.33
C SER B 332 25.29 14.55 -0.56
N ASP B 333 24.39 13.59 -0.33
CA ASP B 333 24.39 12.33 -1.06
C ASP B 333 24.66 12.56 -2.54
N ASP B 334 23.71 13.19 -3.23
CA ASP B 334 23.69 13.14 -4.69
C ASP B 334 24.34 14.35 -5.36
N MET B 335 25.27 14.99 -4.64
CA MET B 335 26.17 15.94 -5.27
C MET B 335 27.16 15.25 -6.20
N MET B 336 27.40 15.87 -7.35
CA MET B 336 28.33 15.33 -8.35
C MET B 336 29.63 16.12 -8.33
N ILE B 337 30.75 15.44 -8.57
CA ILE B 337 32.01 16.13 -8.88
C ILE B 337 32.39 15.94 -10.34
N VAL B 338 32.38 17.04 -11.09
CA VAL B 338 32.58 16.98 -12.53
C VAL B 338 33.71 17.93 -12.96
N ARG B 339 34.81 17.36 -13.43
CA ARG B 339 35.99 18.16 -13.77
C ARG B 339 36.39 19.05 -12.59
N GLY B 340 36.32 18.49 -11.39
CA GLY B 340 36.63 19.25 -10.18
C GLY B 340 35.65 20.36 -9.84
N VAL B 341 34.45 20.31 -10.43
CA VAL B 341 33.39 21.25 -10.06
C VAL B 341 32.23 20.55 -9.38
N ASN B 342 31.73 21.15 -8.30
CA ASN B 342 30.64 20.57 -7.51
C ASN B 342 29.26 20.97 -8.02
N VAL B 343 28.41 19.98 -8.28
CA VAL B 343 27.09 20.27 -8.85
C VAL B 343 25.95 19.37 -8.35
N PHE B 344 24.89 20.00 -7.88
CA PHE B 344 23.65 19.31 -7.54
C PHE B 344 22.73 19.21 -8.75
N PRO B 345 21.96 18.11 -8.83
CA PRO B 345 20.99 17.91 -9.90
C PRO B 345 20.02 19.08 -10.03
N THR B 346 19.56 19.62 -8.90
CA THR B 346 18.61 20.72 -8.91
C THR B 346 19.19 21.97 -9.58
N GLN B 347 20.50 22.16 -9.47
CA GLN B 347 21.15 23.23 -10.21
C GLN B 347 20.95 23.08 -11.71
N ILE B 348 21.03 21.84 -12.20
CA ILE B 348 20.76 21.54 -13.60
C ILE B 348 19.27 21.72 -13.91
N GLU B 349 18.43 21.29 -12.97
CA GLU B 349 16.99 21.37 -13.14
C GLU B 349 16.54 22.81 -13.34
N GLU B 350 17.03 23.71 -12.51
CA GLU B 350 16.70 25.14 -12.62
C GLU B 350 17.03 25.70 -14.01
N GLN B 351 18.18 25.34 -14.57
CA GLN B 351 18.53 25.77 -15.91
C GLN B 351 17.63 25.13 -16.99
N LEU B 352 17.34 23.84 -16.84
CA LEU B 352 16.43 23.16 -17.75
C LEU B 352 15.07 23.85 -17.86
N LEU B 353 14.49 24.21 -16.72
CA LEU B 353 13.11 24.71 -16.67
C LEU B 353 12.97 26.12 -17.26
N LYS B 354 14.10 26.72 -17.61
CA LYS B 354 14.10 27.96 -18.39
C LYS B 354 13.71 27.72 -19.86
N GLN B 355 13.85 26.48 -20.32
CA GLN B 355 13.60 26.20 -21.74
C GLN B 355 12.19 25.69 -21.95
N ARG B 356 11.28 26.58 -22.34
CA ARG B 356 9.88 26.20 -22.54
C ARG B 356 9.69 25.23 -23.69
N ALA B 357 10.71 25.11 -24.54
CA ALA B 357 10.63 24.17 -25.66
C ALA B 357 10.96 22.74 -25.26
N LEU B 358 11.55 22.56 -24.08
CA LEU B 358 11.94 21.22 -23.64
C LEU B 358 11.00 20.72 -22.54
N ALA B 359 10.82 19.41 -22.47
CA ALA B 359 10.10 18.80 -21.37
C ALA B 359 10.82 19.06 -20.05
N PRO B 360 10.09 18.89 -18.93
CA PRO B 360 10.71 19.01 -17.63
C PRO B 360 11.35 17.71 -17.16
N HIS B 361 11.39 16.72 -18.05
CA HIS B 361 12.06 15.45 -17.79
C HIS B 361 13.52 15.54 -18.23
N TYR B 362 14.40 14.87 -17.49
CA TYR B 362 15.81 14.81 -17.85
C TYR B 362 16.50 13.70 -17.11
N GLN B 363 17.61 13.23 -17.66
CA GLN B 363 18.58 12.47 -16.88
C GLN B 363 19.98 13.00 -17.13
N ILE B 364 20.76 13.08 -16.07
CA ILE B 364 22.19 13.35 -16.20
C ILE B 364 22.96 12.04 -16.27
N VAL B 365 23.86 11.94 -17.25
CA VAL B 365 24.70 10.76 -17.40
C VAL B 365 26.17 11.14 -17.33
N LEU B 366 26.90 10.50 -16.42
CA LEU B 366 28.30 10.81 -16.18
C LEU B 366 29.20 9.71 -16.71
N THR B 367 30.09 10.07 -17.62
CA THR B 367 31.05 9.13 -18.20
C THR B 367 32.46 9.70 -18.14
N LYS B 368 33.44 8.86 -18.45
CA LYS B 368 34.84 9.30 -18.54
C LYS B 368 35.40 9.04 -19.94
N GLU B 369 35.96 10.08 -20.54
CA GLU B 369 36.59 9.97 -21.85
C GLU B 369 37.99 10.54 -21.83
N GLY B 370 38.98 9.67 -21.69
CA GLY B 370 40.33 10.07 -21.29
C GLY B 370 40.41 10.29 -19.79
N PRO B 371 41.13 11.35 -19.37
CA PRO B 371 41.17 11.78 -17.97
C PRO B 371 39.96 12.62 -17.56
N LEU B 372 39.25 13.17 -18.55
CA LEU B 372 38.25 14.21 -18.29
C LEU B 372 36.86 13.63 -18.11
N ASP B 373 36.12 14.15 -17.14
CA ASP B 373 34.72 13.77 -16.94
C ASP B 373 33.87 14.31 -18.09
N VAL B 374 32.85 13.56 -18.47
CA VAL B 374 31.81 14.08 -19.36
C VAL B 374 30.46 14.09 -18.65
N LEU B 375 29.84 15.26 -18.58
CA LEU B 375 28.42 15.36 -18.21
C LEU B 375 27.53 15.44 -19.45
N THR B 376 26.66 14.44 -19.60
CA THR B 376 25.65 14.46 -20.64
C THR B 376 24.27 14.66 -20.05
N LEU B 377 23.57 15.68 -20.54
CA LEU B 377 22.22 15.97 -20.10
C LEU B 377 21.21 15.49 -21.13
N ASN B 378 20.57 14.36 -20.86
CA ASN B 378 19.50 13.86 -21.71
C ASN B 378 18.21 14.62 -21.50
N VAL B 379 17.64 15.14 -22.58
CA VAL B 379 16.41 15.93 -22.51
C VAL B 379 15.46 15.58 -23.64
N GLU B 380 14.25 16.12 -23.60
CA GLU B 380 13.22 15.87 -24.61
C GLU B 380 12.61 17.19 -25.05
N PRO B 381 12.12 17.25 -26.29
CA PRO B 381 11.19 18.31 -26.66
C PRO B 381 9.83 18.09 -26.03
N CYS B 382 9.09 19.18 -25.79
CA CYS B 382 7.65 19.09 -25.68
C CYS B 382 7.08 18.48 -26.95
N PRO B 383 6.02 17.68 -26.81
CA PRO B 383 5.45 17.01 -27.97
C PRO B 383 5.12 18.01 -29.08
N GLU B 384 4.65 19.19 -28.70
CA GLU B 384 4.20 20.17 -29.69
C GLU B 384 5.37 20.91 -30.35
N THR B 385 6.54 20.86 -29.72
CA THR B 385 7.73 21.50 -30.27
C THR B 385 8.69 20.52 -30.95
N ALA B 386 8.40 19.23 -30.83
CA ALA B 386 9.26 18.20 -31.41
C ALA B 386 9.70 18.49 -32.84
N PRO B 387 8.74 18.81 -33.74
CA PRO B 387 9.10 19.06 -35.14
C PRO B 387 9.75 20.42 -35.40
N ASP B 388 9.75 21.29 -34.40
CA ASP B 388 10.20 22.68 -34.57
C ASP B 388 11.70 22.76 -34.29
N THR B 389 12.50 22.50 -35.33
CA THR B 389 13.94 22.39 -35.16
C THR B 389 14.55 23.68 -34.64
N ALA B 390 14.04 24.81 -35.11
CA ALA B 390 14.53 26.11 -34.66
C ALA B 390 14.39 26.23 -33.15
N ALA B 391 13.18 25.95 -32.65
CA ALA B 391 12.89 26.05 -31.22
C ALA B 391 13.82 25.16 -30.40
N ILE B 392 14.06 23.94 -30.88
CA ILE B 392 14.85 22.99 -30.14
C ILE B 392 16.33 23.38 -30.12
N GLN B 393 16.83 23.85 -31.25
CA GLN B 393 18.24 24.23 -31.35
C GLN B 393 18.53 25.48 -30.52
N VAL B 394 17.56 26.37 -30.42
CA VAL B 394 17.67 27.50 -29.51
C VAL B 394 17.76 27.01 -28.07
N ALA B 395 16.84 26.11 -27.69
CA ALA B 395 16.82 25.58 -26.33
C ALA B 395 18.14 24.89 -26.00
N LYS B 396 18.63 24.09 -26.93
CA LYS B 396 19.84 23.33 -26.73
C LYS B 396 21.07 24.23 -26.52
N GLN B 397 21.18 25.28 -27.33
CA GLN B 397 22.29 26.23 -27.16
C GLN B 397 22.18 27.02 -25.85
N ALA B 398 21.03 27.63 -25.64
CA ALA B 398 20.76 28.40 -24.43
C ALA B 398 21.02 27.58 -23.17
N LEU B 399 20.43 26.38 -23.11
CA LEU B 399 20.67 25.50 -21.99
C LEU B 399 22.17 25.22 -21.82
N ALA B 400 22.86 24.91 -22.91
CA ALA B 400 24.32 24.72 -22.85
C ALA B 400 25.02 25.94 -22.27
N TYR B 401 24.65 27.12 -22.76
CA TYR B 401 25.27 28.35 -22.27
C TYR B 401 24.99 28.57 -20.79
N ASP B 402 23.75 28.34 -20.39
CA ASP B 402 23.34 28.62 -19.01
C ASP B 402 24.07 27.73 -18.02
N ILE B 403 24.25 26.46 -18.39
CA ILE B 403 25.00 25.53 -17.54
C ILE B 403 26.48 25.95 -17.43
N LYS B 404 27.09 26.25 -18.57
CA LYS B 404 28.46 26.75 -18.59
C LYS B 404 28.63 27.97 -17.65
N SER B 405 27.81 28.98 -17.86
CA SER B 405 28.06 30.28 -17.26
C SER B 405 27.56 30.38 -15.81
N LEU B 406 26.45 29.72 -15.50
CA LEU B 406 25.88 29.79 -14.16
C LEU B 406 26.38 28.67 -13.24
N ILE B 407 26.77 27.54 -13.83
CA ILE B 407 27.21 26.39 -13.06
C ILE B 407 28.71 26.13 -13.19
N GLY B 408 29.26 26.43 -14.36
CA GLY B 408 30.70 26.32 -14.57
C GLY B 408 31.12 24.95 -15.05
N VAL B 409 30.17 24.15 -15.50
CA VAL B 409 30.48 22.90 -16.18
C VAL B 409 30.00 22.93 -17.63
N THR B 410 30.81 22.37 -18.52
CA THR B 410 30.40 22.16 -19.89
C THR B 410 29.53 20.90 -19.99
N ALA B 411 28.31 21.07 -20.49
CA ALA B 411 27.39 19.96 -20.61
C ALA B 411 27.14 19.64 -22.08
N VAL B 412 27.16 18.35 -22.40
CA VAL B 412 26.64 17.89 -23.68
C VAL B 412 25.14 17.73 -23.60
N ILE B 413 24.41 18.53 -24.35
CA ILE B 413 22.96 18.43 -24.40
C ILE B 413 22.55 17.40 -25.45
N ASN B 414 21.90 16.34 -24.99
CA ASN B 414 21.45 15.30 -25.88
C ASN B 414 19.93 15.28 -25.98
N VAL B 415 19.40 15.72 -27.12
CA VAL B 415 17.96 15.81 -27.28
C VAL B 415 17.37 14.51 -27.81
N LEU B 416 16.64 13.81 -26.96
CA LEU B 416 16.04 12.53 -27.34
C LEU B 416 14.67 12.76 -27.95
N PRO B 417 14.10 11.72 -28.59
CA PRO B 417 12.70 11.73 -29.00
C PRO B 417 11.79 11.92 -27.78
N VAL B 418 10.59 12.45 -28.02
CA VAL B 418 9.55 12.44 -26.99
C VAL B 418 9.41 11.05 -26.37
N ASN B 419 9.27 10.99 -25.06
CA ASN B 419 9.19 9.73 -24.33
C ASN B 419 10.47 8.92 -24.32
N GLY B 420 11.57 9.55 -24.72
CA GLY B 420 12.87 8.88 -24.77
C GLY B 420 13.52 8.68 -23.41
N ILE B 421 13.24 9.57 -22.48
CA ILE B 421 13.70 9.41 -21.10
C ILE B 421 12.70 8.60 -20.30
N GLU B 422 13.19 7.75 -19.41
CA GLU B 422 12.31 6.89 -18.61
C GLU B 422 11.65 7.69 -17.49
N ARG B 423 10.33 7.60 -17.43
CA ARG B 423 9.55 8.38 -16.47
C ARG B 423 9.70 7.82 -15.06
N SER B 424 9.77 8.72 -14.08
CA SER B 424 9.72 8.35 -12.67
C SER B 424 8.37 7.73 -12.28
N VAL B 425 8.41 6.75 -11.38
CA VAL B 425 7.19 6.26 -10.73
C VAL B 425 7.11 6.67 -9.26
N GLY B 426 8.23 7.13 -8.71
CA GLY B 426 8.28 7.62 -7.34
C GLY B 426 9.30 8.72 -7.21
N LYS B 427 10.44 8.38 -6.61
CA LYS B 427 11.59 9.27 -6.64
C LYS B 427 12.29 9.15 -7.99
N ALA B 428 12.49 10.27 -8.66
CA ALA B 428 13.20 10.27 -9.94
C ALA B 428 14.68 9.94 -9.71
N ARG B 429 15.26 9.17 -10.63
CA ARG B 429 16.69 8.90 -10.61
C ARG B 429 17.40 9.87 -11.55
N ARG B 430 17.89 10.97 -11.00
CA ARG B 430 18.35 12.09 -11.81
C ARG B 430 19.65 11.74 -12.52
N VAL B 431 20.50 10.96 -11.86
CA VAL B 431 21.89 10.84 -12.25
C VAL B 431 22.31 9.37 -12.40
N VAL B 432 22.82 9.04 -13.57
CA VAL B 432 23.45 7.74 -13.79
C VAL B 432 24.95 7.92 -13.95
N ASP B 433 25.69 7.55 -12.92
CA ASP B 433 27.14 7.71 -12.93
C ASP B 433 27.83 6.41 -13.31
N LYS B 434 28.46 6.38 -14.48
CA LYS B 434 29.10 5.16 -14.96
C LYS B 434 30.60 5.34 -15.19
N ARG B 435 31.25 6.08 -14.30
CA ARG B 435 32.65 6.46 -14.49
C ARG B 435 33.62 5.44 -13.89
MG MG C . 3.77 -31.67 -7.31
MG MG D . 9.38 -23.17 10.82
C1 PEG E . -14.97 -27.76 4.66
O1 PEG E . -16.20 -27.47 5.33
C2 PEG E . -14.62 -26.62 3.72
O2 PEG E . -13.34 -26.81 3.12
C3 PEG E . -12.23 -26.45 3.97
C4 PEG E . -11.29 -27.63 4.16
O4 PEG E . -11.37 -28.14 5.50
C1 BME F . 9.17 -27.05 -6.16
C2 BME F . 8.43 -27.66 -7.35
O1 BME F . 8.48 -27.41 -4.96
S2 BME F . 8.18 -29.42 -7.05
O DLL G . -10.16 -10.83 -3.03
CB DLL G . -10.80 -9.79 -0.93
CG DLL G . -9.70 -10.63 -0.25
CD2 DLL G . -8.42 -10.10 -0.13
CD1 DLL G . -10.03 -11.82 0.38
CE2 DLL G . -7.42 -10.84 0.51
CE1 DLL G . -9.03 -12.56 1.01
CZ DLL G . -7.74 -12.05 1.10
P DLL G . -12.12 -9.20 -4.62
O2P DLL G . -10.97 -8.56 -5.31
O3P DLL G . -13.44 -8.57 -4.71
O1P DLL G . -11.86 -9.26 -3.02
O5' DLL G . -12.22 -10.71 -5.12
C5' DLL G . -13.38 -11.30 -4.71
O4' DLL G . -12.28 -13.55 -4.92
O3' DLL G . -15.83 -13.37 -4.70
C2' DLL G . -14.10 -15.06 -4.51
O2' DLL G . -14.60 -15.43 -5.81
C1' DLL G . -12.58 -14.92 -4.55
N9 DLL G . -12.03 -15.27 -3.21
C8 DLL G . -11.57 -14.32 -2.19
N7 DLL G . -11.25 -15.19 -1.06
C5 DLL G . -11.37 -16.47 -1.46
C6 DLL G . -11.15 -17.69 -0.83
CAZ DLL G . -10.83 -9.96 -2.46
N6 DLL G . -10.64 -17.77 0.40
C4' DLL G . -13.43 -12.82 -4.79
N1 DLL G . -11.45 -18.83 -1.48
C3' DLL G . -14.54 -13.66 -4.15
C2 DLL G . -11.94 -18.81 -2.70
C4 DLL G . -11.91 -16.50 -2.74
N3 DLL G . -12.17 -17.68 -3.32
MG MG H . 10.37 23.32 -20.40
MG MG I . -8.56 22.85 -11.88
C1 PAC J . 12.45 3.90 -1.55
C2 PAC J . 12.08 4.86 -2.67
C1' PAC J . 10.66 4.64 -3.13
C2' PAC J . 10.05 3.39 -3.01
C3' PAC J . 8.74 3.21 -3.44
C4' PAC J . 8.04 4.26 -4.01
C5' PAC J . 8.65 5.50 -4.15
C6' PAC J . 9.95 5.70 -3.70
O1 PAC J . 12.34 2.68 -1.75
O2 PAC J . 12.89 4.39 -0.48
C1 PGE K . 30.89 19.16 19.18
O1 PGE K . 31.55 20.04 18.26
C2 PGE K . 30.60 17.83 18.50
O2 PGE K . 29.29 17.39 18.83
C3 PGE K . 29.16 17.15 20.23
C4 PGE K . 29.19 15.65 20.47
O4 PGE K . 32.63 13.58 22.99
C6 PGE K . 31.35 14.21 23.09
C5 PGE K . 30.78 14.43 21.70
O3 PGE K . 29.72 15.37 21.76
C1 BME L . 10.29 0.56 -0.85
C2 BME L . 9.07 -0.34 -0.62
O1 BME L . 10.95 0.83 0.40
S2 BME L . 7.53 0.64 -0.64
C1 BME M . 4.32 20.57 -21.66
C2 BME M . 5.76 21.11 -21.69
O1 BME M . 4.35 19.18 -21.93
S2 BME M . 6.85 19.88 -22.45
O DLL N . 11.07 10.49 1.42
CB DLL N . 9.64 10.49 3.38
CG DLL N . 8.69 11.35 2.55
CD2 DLL N . 7.69 10.74 1.80
CD1 DLL N . 8.72 12.75 2.67
CE2 DLL N . 6.77 11.51 1.10
CE1 DLL N . 7.78 13.51 1.98
CZ DLL N . 6.79 12.90 1.21
P DLL N . 13.13 8.83 2.76
O2P DLL N . 12.74 7.82 1.74
O3P DLL N . 13.85 8.35 3.96
O1P DLL N . 11.85 9.57 3.38
O5' DLL N . 13.96 9.96 2.02
C5' DLL N . 14.47 10.89 2.85
O4' DLL N . 14.46 12.46 0.90
O3' DLL N . 16.26 13.33 3.87
C2' DLL N . 15.53 14.40 1.79
O2' DLL N . 16.90 14.26 1.39
C1' DLL N . 14.63 13.87 0.68
N9 DLL N . 13.38 14.64 0.75
C8 DLL N . 12.12 14.18 1.37
N7 DLL N . 11.26 15.37 1.27
C5 DLL N . 11.94 16.34 0.64
C6 DLL N . 11.60 17.63 0.25
CAZ DLL N . 10.89 10.09 2.58
N6 DLL N . 10.37 18.11 0.49
C4' DLL N . 14.92 12.17 2.17
N1 DLL N . 12.52 18.40 -0.36
C3' DLL N . 15.19 13.46 2.93
C2 DLL N . 13.74 17.93 -0.61
C4 DLL N . 13.23 15.89 0.35
N3 DLL N . 14.09 16.70 -0.28
#